data_3NEC
#
_entry.id   3NEC
#
_cell.length_a   49.528
_cell.length_b   53.335
_cell.length_c   68.617
_cell.angle_alpha   74.70
_cell.angle_beta   73.82
_cell.angle_gamma   68.98
#
_symmetry.space_group_name_H-M   'P 1'
#
loop_
_entity.id
_entity.type
_entity.pdbx_description
1 polymer 'Inflammatory profilin'
2 non-polymer (2S,3S)-1,4-DIMERCAPTOBUTANE-2,3-DIOL
3 non-polymer 'SULFATE ION'
4 water water
#
_entity_poly.entity_id   1
_entity_poly.type   'polypeptide(L)'
_entity_poly.pdbx_seq_one_letter_code
;GSH(MSE)SDWDPVVKEWLVDTGYCCAGGIANAEDGVVFAAAADDDDGWSKLYKDDHEEDTIGEDGNACGKVSINEASTI
KAAVDDGSAPNGVWIGGQKYKVVRPEKGFEYNDCTFDIT(MSE)CARSKGGAHLIKTPNGSIVIALYDEEKEQDKGNSRT
SALAFAEYLHQSGY
;
_entity_poly.pdbx_strand_id   A,B,C,D
#
loop_
_chem_comp.id
_chem_comp.type
_chem_comp.name
_chem_comp.formula
DTV non-polymer (2S,3S)-1,4-DIMERCAPTOBUTANE-2,3-DIOL 'C4 H10 O2 S2'
SO4 non-polymer 'SULFATE ION' 'O4 S -2'
#
# COMPACT_ATOMS: atom_id res chain seq x y z
N SER A 5 23.45 -7.31 10.99
CA SER A 5 23.42 -5.95 10.40
C SER A 5 22.79 -4.94 11.36
N ASP A 6 23.42 -4.73 12.51
CA ASP A 6 22.93 -3.74 13.48
C ASP A 6 23.72 -2.45 13.30
N TRP A 7 23.22 -1.57 12.43
CA TRP A 7 24.03 -0.47 11.93
C TRP A 7 24.04 0.73 12.84
N ASP A 8 22.95 0.94 13.57
CA ASP A 8 22.77 2.18 14.32
C ASP A 8 23.95 2.46 15.27
N PRO A 9 24.42 1.43 16.00
CA PRO A 9 25.57 1.66 16.90
C PRO A 9 26.86 2.03 16.17
N VAL A 10 27.01 1.54 14.95
CA VAL A 10 28.18 1.85 14.13
C VAL A 10 28.15 3.31 13.70
N VAL A 11 27.01 3.77 13.22
CA VAL A 11 26.80 5.19 12.91
C VAL A 11 27.09 6.01 14.14
N LYS A 12 26.54 5.58 15.28
CA LYS A 12 26.74 6.33 16.49
C LYS A 12 28.22 6.50 16.84
N GLU A 13 28.99 5.42 16.81
CA GLU A 13 30.36 5.51 17.27
C GLU A 13 31.20 6.34 16.29
N TRP A 14 30.87 6.28 15.01
CA TRP A 14 31.66 7.04 14.03
C TRP A 14 31.32 8.50 13.92
N LEU A 15 30.06 8.83 13.99
CA LEU A 15 29.63 10.22 13.69
C LEU A 15 29.19 11.00 14.91
N VAL A 16 28.69 10.32 15.92
CA VAL A 16 28.11 11.02 17.07
C VAL A 16 29.05 11.01 18.28
N ASP A 17 29.62 9.83 18.59
CA ASP A 17 30.49 9.68 19.77
C ASP A 17 31.73 10.56 19.63
N THR A 18 32.21 10.71 18.40
CA THR A 18 33.38 11.53 18.13
C THR A 18 33.13 13.04 18.31
N GLY A 19 31.86 13.43 18.31
CA GLY A 19 31.42 14.75 18.75
C GLY A 19 31.31 15.82 17.65
N TYR A 20 31.62 15.48 16.43
CA TYR A 20 31.63 16.50 15.35
C TYR A 20 30.30 16.67 14.66
N CYS A 21 29.39 15.70 14.86
CA CYS A 21 28.05 15.71 14.26
C CYS A 21 27.01 15.47 15.36
N CYS A 22 25.84 16.07 15.24
CA CYS A 22 24.80 15.86 16.25
C CYS A 22 23.96 14.60 15.96
N ALA A 23 24.03 14.14 14.73
CA ALA A 23 23.23 12.99 14.26
C ALA A 23 23.81 12.55 12.93
N GLY A 24 23.50 11.34 12.52
CA GLY A 24 24.01 10.82 11.27
C GLY A 24 23.27 9.58 10.84
N GLY A 25 23.56 9.11 9.64
CA GLY A 25 22.90 7.92 9.16
C GLY A 25 23.53 7.43 7.89
N ILE A 26 22.95 6.39 7.32
CA ILE A 26 23.37 5.90 6.01
C ILE A 26 22.13 5.57 5.24
N ALA A 27 22.12 5.94 3.98
CA ALA A 27 21.04 5.61 3.05
C ALA A 27 21.57 4.80 1.89
N ASN A 28 20.67 4.10 1.23
CA ASN A 28 20.98 3.34 0.04
C ASN A 28 20.98 4.32 -1.11
N ALA A 29 22.05 4.36 -1.89
CA ALA A 29 22.09 5.31 -3.03
C ALA A 29 21.09 4.98 -4.14
N GLU A 30 20.71 3.71 -4.26
CA GLU A 30 19.71 3.27 -5.25
C GLU A 30 18.37 3.99 -5.11
N ASP A 31 17.98 4.32 -3.88
CA ASP A 31 16.68 4.91 -3.68
C ASP A 31 16.63 6.07 -2.69
N GLY A 32 17.77 6.37 -2.04
CA GLY A 32 17.80 7.41 -1.02
C GLY A 32 17.26 7.07 0.35
N VAL A 33 16.88 5.81 0.56
CA VAL A 33 16.17 5.43 1.79
C VAL A 33 17.15 5.19 2.92
N VAL A 34 16.99 5.93 4.01
CA VAL A 34 17.85 5.77 5.18
C VAL A 34 17.64 4.39 5.80
N PHE A 35 18.73 3.65 6.00
CA PHE A 35 18.65 2.35 6.69
C PHE A 35 19.36 2.28 8.05
N ALA A 36 19.99 3.38 8.44
CA ALA A 36 20.72 3.45 9.71
C ALA A 36 20.73 4.89 10.19
N ALA A 37 20.62 5.08 11.50
CA ALA A 37 20.55 6.43 12.08
C ALA A 37 21.03 6.44 13.52
N ALA A 38 21.64 7.54 13.93
CA ALA A 38 22.07 7.70 15.32
C ALA A 38 22.07 9.17 15.64
N ALA A 39 21.95 9.50 16.93
CA ALA A 39 22.00 10.90 17.36
C ALA A 39 22.51 11.07 18.78
N ASP A 40 22.83 12.31 19.12
CA ASP A 40 23.42 12.62 20.42
C ASP A 40 22.44 12.39 21.57
N ASP A 41 21.17 12.22 21.24
CA ASP A 41 20.14 11.95 22.23
C ASP A 41 19.50 10.56 22.05
N ASP A 42 20.15 9.69 21.27
CA ASP A 42 19.70 8.32 21.02
C ASP A 42 18.34 8.22 20.34
N ASP A 43 17.93 9.30 19.69
CA ASP A 43 16.73 9.27 18.85
C ASP A 43 17.15 9.68 17.47
N GLY A 44 18.01 8.88 16.86
CA GLY A 44 18.59 9.26 15.60
C GLY A 44 17.55 9.16 14.49
N TRP A 45 16.61 8.22 14.62
CA TRP A 45 15.69 8.00 13.51
C TRP A 45 14.78 9.19 13.29
N SER A 46 14.36 9.82 14.37
CA SER A 46 13.55 11.04 14.25
C SER A 46 14.31 12.17 13.59
N LYS A 47 15.63 12.18 13.73
CA LYS A 47 16.47 13.22 13.08
C LYS A 47 16.80 12.92 11.63
N LEU A 48 16.71 11.64 11.24
CA LEU A 48 17.15 11.19 9.91
C LEU A 48 16.01 10.87 8.94
N TYR A 49 14.81 10.68 9.48
CA TYR A 49 13.70 10.22 8.65
C TYR A 49 12.36 10.73 9.16
N LYS A 50 11.53 11.14 8.20
CA LYS A 50 10.13 11.45 8.47
C LYS A 50 9.33 10.92 7.29
N ASP A 51 8.22 10.26 7.59
CA ASP A 51 7.35 9.75 6.56
C ASP A 51 6.89 10.93 5.68
N ASP A 52 6.51 10.62 4.44
CA ASP A 52 6.25 11.66 3.42
C ASP A 52 5.37 12.74 4.02
N HIS A 53 5.77 13.98 3.79
CA HIS A 53 5.11 15.10 4.45
C HIS A 53 4.92 16.28 3.52
N GLU A 54 3.76 16.93 3.63
CA GLU A 54 3.44 18.05 2.74
C GLU A 54 4.17 19.31 3.21
N GLU A 55 4.76 20.04 2.26
CA GLU A 55 5.53 21.24 2.56
C GLU A 55 5.22 22.32 1.53
N ASP A 56 5.60 23.57 1.82
CA ASP A 56 5.41 24.65 0.87
C ASP A 56 6.33 24.52 -0.30
N THR A 57 5.84 24.89 -1.48
CA THR A 57 6.72 25.16 -2.62
C THR A 57 6.96 26.65 -2.63
N ILE A 58 8.11 27.06 -3.16
CA ILE A 58 8.59 28.42 -3.03
C ILE A 58 8.90 28.96 -4.40
N GLY A 59 8.47 30.19 -4.65
CA GLY A 59 8.74 30.84 -5.93
C GLY A 59 10.12 31.47 -5.92
N GLU A 60 10.49 32.11 -7.03
CA GLU A 60 11.84 32.67 -7.12
C GLU A 60 12.02 33.82 -6.14
N ASP A 61 10.91 34.36 -5.64
CA ASP A 61 10.93 35.48 -4.71
C ASP A 61 10.96 35.03 -3.23
N GLY A 62 11.13 33.74 -3.02
CA GLY A 62 11.15 33.18 -1.66
C GLY A 62 9.79 33.01 -0.99
N ASN A 63 8.73 33.39 -1.69
CA ASN A 63 7.40 33.27 -1.12
C ASN A 63 6.77 31.92 -1.40
N ALA A 64 5.93 31.45 -0.47
CA ALA A 64 5.18 30.19 -0.68
C ALA A 64 4.21 30.34 -1.84
N CYS A 65 4.23 29.39 -2.76
CA CYS A 65 3.40 29.53 -3.96
C CYS A 65 2.54 28.28 -4.24
N GLY A 66 2.63 27.32 -3.32
CA GLY A 66 1.80 26.12 -3.37
C GLY A 66 2.37 25.09 -2.40
N LYS A 67 1.99 23.83 -2.58
CA LYS A 67 2.42 22.78 -1.66
C LYS A 67 2.85 21.58 -2.46
N VAL A 68 3.60 20.71 -1.82
CA VAL A 68 4.08 19.50 -2.46
C VAL A 68 4.27 18.42 -1.42
N SER A 69 3.95 17.18 -1.77
CA SER A 69 4.29 16.06 -0.90
C SER A 69 5.78 15.75 -1.05
N ILE A 70 6.52 15.81 0.05
CA ILE A 70 7.95 15.45 0.02
C ILE A 70 8.14 13.99 0.44
N ASN A 71 8.86 13.25 -0.40
CA ASN A 71 9.41 11.96 -0.07
C ASN A 71 10.90 12.20 0.22
N GLU A 72 11.29 12.03 1.48
CA GLU A 72 12.64 12.43 1.89
C GLU A 72 13.73 11.70 1.10
N ALA A 73 13.56 10.38 0.95
CA ALA A 73 14.52 9.57 0.18
C ALA A 73 14.75 10.09 -1.25
N SER A 74 13.66 10.49 -1.91
CA SER A 74 13.75 11.07 -3.26
CA SER A 74 13.75 11.08 -3.26
C SER A 74 14.64 12.32 -3.25
N THR A 75 14.45 13.19 -2.26
CA THR A 75 15.25 14.42 -2.17
C THR A 75 16.72 14.14 -1.91
N ILE A 76 17.00 13.10 -1.12
CA ILE A 76 18.38 12.73 -0.80
C ILE A 76 19.07 12.16 -2.05
N LYS A 77 18.40 11.25 -2.72
CA LYS A 77 18.89 10.71 -3.98
C LYS A 77 19.07 11.80 -5.05
N ALA A 78 18.13 12.75 -5.12
CA ALA A 78 18.26 13.87 -6.07
C ALA A 78 19.50 14.70 -5.78
N ALA A 79 19.71 15.02 -4.51
CA ALA A 79 20.85 15.84 -4.11
C ALA A 79 22.14 15.10 -4.52
N VAL A 80 22.21 13.83 -4.20
CA VAL A 80 23.43 13.06 -4.49
C VAL A 80 23.65 12.85 -6.00
N ASP A 81 22.61 12.38 -6.70
CA ASP A 81 22.74 12.00 -8.11
C ASP A 81 22.86 13.20 -9.04
N ASP A 82 22.17 14.28 -8.69
CA ASP A 82 21.96 15.38 -9.61
C ASP A 82 22.58 16.70 -9.15
N GLY A 83 22.96 16.79 -7.89
CA GLY A 83 23.44 18.06 -7.33
C GLY A 83 22.35 19.13 -7.32
N SER A 84 21.09 18.69 -7.22
CA SER A 84 19.94 19.57 -7.38
C SER A 84 18.74 18.90 -6.74
N ALA A 85 17.98 19.62 -5.94
CA ALA A 85 16.69 19.09 -5.45
C ALA A 85 15.61 20.13 -5.74
N PRO A 86 14.51 19.73 -6.40
CA PRO A 86 13.59 20.75 -6.89
C PRO A 86 12.86 21.50 -5.79
N ASN A 87 12.71 20.87 -4.62
CA ASN A 87 11.90 21.45 -3.56
C ASN A 87 12.61 21.33 -2.22
N GLY A 88 13.94 21.30 -2.29
CA GLY A 88 14.76 21.22 -1.08
C GLY A 88 15.08 19.79 -0.68
N VAL A 89 16.12 19.63 0.14
CA VAL A 89 16.49 18.32 0.65
C VAL A 89 15.87 18.24 2.03
N TRP A 90 15.10 17.19 2.29
CA TRP A 90 14.40 17.06 3.58
C TRP A 90 14.90 15.81 4.29
N ILE A 91 15.42 16.03 5.50
CA ILE A 91 15.96 14.97 6.36
C ILE A 91 15.37 15.13 7.76
N GLY A 92 14.64 14.12 8.22
CA GLY A 92 14.01 14.19 9.54
C GLY A 92 13.10 15.39 9.67
N GLY A 93 12.45 15.78 8.57
CA GLY A 93 11.43 16.83 8.63
C GLY A 93 12.02 18.21 8.47
N GLN A 94 13.34 18.30 8.34
CA GLN A 94 14.01 19.60 8.23
C GLN A 94 14.47 19.82 6.81
N LYS A 95 14.30 21.04 6.34
CA LYS A 95 14.70 21.42 4.98
C LYS A 95 16.13 21.93 4.91
N TYR A 96 16.85 21.42 3.92
CA TYR A 96 18.20 21.91 3.61
C TYR A 96 18.28 22.37 2.16
N LYS A 97 19.28 23.20 1.89
CA LYS A 97 19.56 23.59 0.53
C LYS A 97 20.85 22.95 0.06
N VAL A 98 20.87 22.46 -1.18
CA VAL A 98 22.10 21.94 -1.76
C VAL A 98 23.03 23.11 -1.98
N VAL A 99 24.13 23.16 -1.25
CA VAL A 99 25.01 24.34 -1.34
C VAL A 99 26.28 24.09 -2.06
N ARG A 100 26.80 22.86 -2.01
CA ARG A 100 28.00 22.57 -2.77
C ARG A 100 28.23 21.10 -3.05
N PRO A 101 27.91 20.67 -4.28
CA PRO A 101 28.23 19.30 -4.71
C PRO A 101 29.65 19.22 -5.24
N GLU A 102 30.31 18.08 -5.03
CA GLU A 102 31.60 17.83 -5.64
C GLU A 102 31.64 16.38 -6.06
N LYS A 103 31.75 16.14 -7.36
CA LYS A 103 31.77 14.78 -7.82
C LYS A 103 33.19 14.28 -7.76
N GLY A 104 33.35 13.04 -7.38
CA GLY A 104 34.66 12.38 -7.44
C GLY A 104 35.75 13.05 -6.63
N PHE A 105 35.38 13.54 -5.46
CA PHE A 105 36.34 14.09 -4.51
C PHE A 105 37.28 13.03 -3.97
N GLU A 106 38.57 13.32 -3.97
CA GLU A 106 39.60 12.34 -3.60
C GLU A 106 39.91 12.42 -2.12
N TYR A 107 39.79 11.29 -1.43
CA TYR A 107 40.05 11.21 -0.01
C TYR A 107 40.63 9.84 0.27
N ASN A 108 41.85 9.80 0.80
CA ASN A 108 42.45 8.54 1.18
C ASN A 108 42.45 7.47 0.06
N ASP A 109 42.86 7.89 -1.13
CA ASP A 109 43.02 6.96 -2.26
C ASP A 109 41.71 6.44 -2.86
N CYS A 110 40.61 7.07 -2.53
CA CYS A 110 39.33 6.71 -3.07
C CYS A 110 38.59 7.99 -3.44
N THR A 111 37.64 7.88 -4.33
CA THR A 111 36.87 9.05 -4.72
C THR A 111 35.47 8.89 -4.21
N PHE A 112 34.86 10.01 -3.85
CA PHE A 112 33.53 10.05 -3.25
C PHE A 112 32.77 11.18 -3.90
N ASP A 113 31.48 10.98 -4.19
CA ASP A 113 30.65 12.12 -4.56
C ASP A 113 30.10 12.73 -3.28
N ILE A 114 30.31 14.02 -3.08
CA ILE A 114 29.89 14.69 -1.86
CA ILE A 114 29.87 14.65 -1.86
C ILE A 114 28.90 15.78 -2.17
N THR A 115 27.89 15.94 -1.33
CA THR A 115 26.98 17.07 -1.46
C THR A 115 26.82 17.70 -0.11
N MSE A 116 27.19 18.97 -0.01
CA MSE A 116 26.98 19.73 1.21
CA MSE A 116 26.95 19.70 1.23
C MSE A 116 25.59 20.36 1.12
O MSE A 116 25.22 20.88 0.06
CB MSE A 116 28.04 20.82 1.33
CB MSE A 116 28.03 20.74 1.49
CG MSE A 116 28.76 20.82 2.65
CG MSE A 116 27.75 21.54 2.74
SE MSE A 116 27.58 21.34 4.10
SE MSE A 116 29.23 22.60 3.33
CE MSE A 116 27.04 23.05 3.38
CE MSE A 116 30.64 21.32 3.20
N CYS A 117 24.82 20.29 2.22
CA CYS A 117 23.52 20.93 2.30
C CYS A 117 23.48 21.82 3.54
N ALA A 118 22.81 22.95 3.43
CA ALA A 118 22.80 23.88 4.54
C ALA A 118 21.42 24.23 4.96
N ARG A 119 21.34 24.55 6.23
CA ARG A 119 20.15 25.13 6.81
C ARG A 119 20.68 26.28 7.64
N SER A 120 19.80 26.98 8.33
CA SER A 120 20.24 28.09 9.17
C SER A 120 21.01 27.52 10.39
N LYS A 121 22.25 27.94 10.60
CA LYS A 121 22.96 27.47 11.79
C LYS A 121 23.20 25.95 11.82
N GLY A 122 23.33 25.34 10.67
CA GLY A 122 23.68 23.93 10.61
C GLY A 122 23.68 23.42 9.20
N GLY A 123 23.89 22.12 9.05
CA GLY A 123 24.04 21.53 7.71
C GLY A 123 24.13 20.05 7.73
N ALA A 124 24.36 19.48 6.55
CA ALA A 124 24.40 18.04 6.37
C ALA A 124 25.35 17.76 5.27
N HIS A 125 26.14 16.72 5.45
CA HIS A 125 27.04 16.23 4.39
C HIS A 125 26.47 14.95 3.90
N LEU A 126 26.38 14.81 2.58
CA LEU A 126 25.97 13.55 1.98
C LEU A 126 27.14 13.02 1.19
N ILE A 127 27.59 11.82 1.49
CA ILE A 127 28.81 11.29 0.89
C ILE A 127 28.54 9.91 0.37
N LYS A 128 28.65 9.77 -0.94
CA LYS A 128 28.39 8.49 -1.59
C LYS A 128 29.66 7.67 -1.75
N THR A 129 29.59 6.42 -1.32
CA THR A 129 30.71 5.47 -1.46
C THR A 129 30.65 4.82 -2.81
N PRO A 130 31.78 4.23 -3.26
CA PRO A 130 31.77 3.53 -4.55
C PRO A 130 30.68 2.48 -4.68
N ASN A 131 30.35 1.81 -3.59
CA ASN A 131 29.34 0.75 -3.62
C ASN A 131 27.89 1.22 -3.36
N GLY A 132 27.67 2.52 -3.34
CA GLY A 132 26.32 3.06 -3.25
C GLY A 132 25.72 3.09 -1.85
N SER A 133 26.54 3.42 -0.86
CA SER A 133 26.03 3.90 0.41
C SER A 133 26.15 5.40 0.42
N ILE A 134 25.19 6.05 1.04
CA ILE A 134 25.29 7.49 1.25
C ILE A 134 25.42 7.74 2.74
N VAL A 135 26.60 8.21 3.18
CA VAL A 135 26.72 8.69 4.55
C VAL A 135 25.99 10.02 4.71
N ILE A 136 25.20 10.13 5.76
CA ILE A 136 24.52 11.40 6.06
C ILE A 136 25.03 11.90 7.42
N ALA A 137 25.65 13.07 7.45
CA ALA A 137 26.21 13.57 8.69
C ALA A 137 25.67 14.96 8.95
N LEU A 138 24.97 15.13 10.07
CA LEU A 138 24.35 16.41 10.42
C LEU A 138 25.16 17.18 11.46
N TYR A 139 25.30 18.49 11.26
CA TYR A 139 25.98 19.28 12.28
C TYR A 139 25.11 20.48 12.67
N ASP A 140 25.28 20.96 13.90
CA ASP A 140 24.47 22.04 14.48
C ASP A 140 25.41 23.05 15.06
N GLU A 141 25.41 24.25 14.49
CA GLU A 141 26.34 25.29 14.90
C GLU A 141 26.01 25.80 16.29
N GLU A 142 24.80 25.51 16.74
CA GLU A 142 24.37 25.87 18.09
C GLU A 142 24.93 24.88 19.09
N LYS A 143 25.47 23.77 18.59
CA LYS A 143 26.11 22.82 19.46
C LYS A 143 27.61 22.87 19.32
N GLU A 144 28.12 23.98 18.83
CA GLU A 144 29.56 24.16 18.70
C GLU A 144 30.12 23.26 17.63
N GLN A 145 29.29 22.82 16.68
CA GLN A 145 29.78 21.99 15.58
C GLN A 145 29.98 22.88 14.35
N ASP A 146 30.79 22.43 13.40
CA ASP A 146 31.04 23.26 12.21
C ASP A 146 31.17 22.40 10.95
N LYS A 147 31.04 23.02 9.78
CA LYS A 147 30.96 22.24 8.55
C LYS A 147 32.25 21.52 8.26
N GLY A 148 33.37 22.12 8.68
CA GLY A 148 34.67 21.54 8.39
C GLY A 148 34.97 20.25 9.12
N ASN A 149 34.86 20.28 10.44
CA ASN A 149 35.08 19.08 11.26
C ASN A 149 34.05 18.00 11.01
N SER A 150 32.79 18.39 10.82
CA SER A 150 31.78 17.40 10.46
C SER A 150 32.07 16.74 9.08
N ARG A 151 32.55 17.52 8.11
CA ARG A 151 32.90 16.94 6.81
C ARG A 151 33.99 15.89 6.98
N THR A 152 35.03 16.22 7.74
CA THR A 152 36.11 15.27 7.93
C THR A 152 35.62 14.00 8.62
N SER A 153 34.77 14.19 9.60
CA SER A 153 34.15 13.04 10.28
CA SER A 153 34.16 13.03 10.27
C SER A 153 33.37 12.17 9.28
N ALA A 154 32.59 12.83 8.42
CA ALA A 154 31.75 12.13 7.44
C ALA A 154 32.63 11.38 6.43
N LEU A 155 33.69 12.03 5.97
CA LEU A 155 34.63 11.36 5.06
C LEU A 155 35.31 10.16 5.68
N ALA A 156 35.76 10.29 6.93
CA ALA A 156 36.40 9.15 7.60
C ALA A 156 35.45 7.96 7.67
N PHE A 157 34.20 8.25 8.01
CA PHE A 157 33.19 7.17 8.08
C PHE A 157 32.88 6.58 6.68
N ALA A 158 32.74 7.43 5.67
CA ALA A 158 32.51 6.95 4.31
C ALA A 158 33.65 6.04 3.89
N GLU A 159 34.86 6.42 4.25
CA GLU A 159 36.04 5.62 3.85
C GLU A 159 36.08 4.30 4.62
N TYR A 160 35.66 4.31 5.88
CA TYR A 160 35.51 3.05 6.61
C TYR A 160 34.46 2.18 5.92
N LEU A 161 33.34 2.78 5.51
CA LEU A 161 32.29 2.00 4.79
C LEU A 161 32.88 1.42 3.50
N HIS A 162 33.60 2.26 2.76
CA HIS A 162 34.30 1.82 1.56
C HIS A 162 35.23 0.65 1.82
N GLN A 163 36.12 0.80 2.79
CA GLN A 163 37.05 -0.27 3.12
C GLN A 163 36.35 -1.52 3.60
N SER A 164 35.14 -1.38 4.12
CA SER A 164 34.34 -2.51 4.57
C SER A 164 33.44 -3.13 3.49
N GLY A 165 33.54 -2.59 2.27
CA GLY A 165 32.82 -3.12 1.13
C GLY A 165 31.45 -2.55 0.90
N TYR A 166 31.13 -1.48 1.62
CA TYR A 166 29.89 -0.77 1.42
C TYR A 166 30.13 0.58 0.72
N HIS B 3 -4.98 -9.76 31.58
CA HIS B 3 -5.86 -9.48 30.40
C HIS B 3 -6.94 -10.53 30.29
N MSE B 4 -8.06 -10.25 30.91
CA MSE B 4 -9.12 -11.24 30.96
C MSE B 4 -10.05 -11.22 29.75
O MSE B 4 -10.86 -12.10 29.61
CB MSE B 4 -9.90 -11.11 32.27
CG MSE B 4 -9.06 -11.45 33.52
SE MSE B 4 -8.31 -13.28 33.40
CE MSE B 4 -10.00 -14.16 33.25
N SER B 5 -9.93 -10.22 28.87
CA SER B 5 -10.83 -10.19 27.68
C SER B 5 -10.50 -11.26 26.66
N ASP B 6 -11.51 -11.71 25.91
CA ASP B 6 -11.31 -12.73 24.88
C ASP B 6 -10.77 -12.10 23.57
N TRP B 7 -9.47 -11.81 23.56
CA TRP B 7 -8.85 -11.04 22.48
C TRP B 7 -8.56 -11.81 21.23
N ASP B 8 -8.25 -13.10 21.37
CA ASP B 8 -7.75 -13.82 20.22
C ASP B 8 -8.69 -13.76 18.99
N PRO B 9 -10.01 -13.92 19.19
CA PRO B 9 -10.95 -13.80 18.05
C PRO B 9 -10.98 -12.39 17.45
N VAL B 10 -10.75 -11.39 18.28
CA VAL B 10 -10.74 -10.03 17.82
C VAL B 10 -9.50 -9.78 16.95
N VAL B 11 -8.34 -10.21 17.41
CA VAL B 11 -7.13 -10.09 16.61
C VAL B 11 -7.34 -10.85 15.28
N LYS B 12 -7.94 -12.05 15.36
CA LYS B 12 -8.19 -12.83 14.16
C LYS B 12 -9.04 -12.07 13.15
N GLU B 13 -10.14 -11.49 13.61
CA GLU B 13 -11.04 -10.90 12.64
C GLU B 13 -10.41 -9.63 12.05
N TRP B 14 -9.58 -8.93 12.82
CA TRP B 14 -9.02 -7.66 12.33
C TRP B 14 -7.77 -7.82 11.49
N LEU B 15 -6.93 -8.77 11.85
CA LEU B 15 -5.65 -8.92 11.17
C LEU B 15 -5.56 -10.12 10.25
N VAL B 16 -6.28 -11.19 10.55
CA VAL B 16 -6.09 -12.41 9.77
C VAL B 16 -7.21 -12.59 8.74
N ASP B 17 -8.44 -12.42 9.18
CA ASP B 17 -9.60 -12.58 8.27
C ASP B 17 -9.50 -11.65 7.07
N THR B 18 -9.04 -10.43 7.29
CA THR B 18 -8.90 -9.45 6.23
C THR B 18 -7.85 -9.87 5.17
N GLY B 19 -6.97 -10.80 5.54
CA GLY B 19 -6.10 -11.47 4.55
C GLY B 19 -4.77 -10.79 4.26
N TYR B 20 -4.52 -9.64 4.87
CA TYR B 20 -3.27 -8.90 4.64
C TYR B 20 -2.10 -9.37 5.48
N CYS B 21 -2.39 -10.03 6.59
CA CYS B 21 -1.37 -10.53 7.53
C CYS B 21 -1.58 -12.01 7.71
N CYS B 22 -0.49 -12.77 7.90
CA CYS B 22 -0.64 -14.21 8.10
C CYS B 22 -0.85 -14.57 9.59
N ALA B 23 -0.54 -13.63 10.47
CA ALA B 23 -0.67 -13.82 11.91
C ALA B 23 -0.55 -12.46 12.57
N GLY B 24 -0.97 -12.39 13.81
CA GLY B 24 -0.86 -11.13 14.54
C GLY B 24 -1.15 -11.33 15.99
N GLY B 25 -0.98 -10.26 16.77
CA GLY B 25 -1.12 -10.38 18.18
C GLY B 25 -1.11 -9.01 18.82
N ILE B 26 -1.24 -8.99 20.14
CA ILE B 26 -1.06 -7.78 20.91
C ILE B 26 -0.18 -8.08 22.11
N ALA B 27 0.74 -7.15 22.40
CA ALA B 27 1.54 -7.23 23.60
C ALA B 27 1.29 -6.02 24.51
N ASN B 28 1.69 -6.17 25.76
CA ASN B 28 1.67 -5.06 26.70
C ASN B 28 2.91 -4.20 26.45
N ALA B 29 2.73 -2.89 26.32
CA ALA B 29 3.86 -2.00 26.07
C ALA B 29 4.80 -1.96 27.30
N GLU B 30 4.26 -2.25 28.48
CA GLU B 30 5.04 -2.17 29.72
C GLU B 30 6.23 -3.12 29.68
N ASP B 31 5.99 -4.30 29.13
CA ASP B 31 6.97 -5.34 29.23
C ASP B 31 7.18 -6.10 27.94
N GLY B 32 6.40 -5.80 26.90
CA GLY B 32 6.52 -6.50 25.62
C GLY B 32 5.89 -7.87 25.55
N VAL B 33 5.18 -8.26 26.59
CA VAL B 33 4.65 -9.61 26.70
C VAL B 33 3.39 -9.78 25.88
N VAL B 34 3.42 -10.74 24.97
CA VAL B 34 2.28 -10.97 24.09
C VAL B 34 1.11 -11.51 24.92
N PHE B 35 -0.09 -10.91 24.78
CA PHE B 35 -1.25 -11.44 25.51
C PHE B 35 -2.41 -11.91 24.60
N ALA B 36 -2.25 -11.70 23.30
CA ALA B 36 -3.24 -12.11 22.32
C ALA B 36 -2.52 -12.51 21.02
N ALA B 37 -3.07 -13.53 20.36
CA ALA B 37 -2.48 -14.04 19.12
C ALA B 37 -3.53 -14.68 18.23
N ALA B 38 -3.28 -14.66 16.92
CA ALA B 38 -4.13 -15.35 15.94
C ALA B 38 -3.32 -15.63 14.68
N ALA B 39 -3.70 -16.63 13.93
CA ALA B 39 -3.04 -16.94 12.66
C ALA B 39 -3.99 -17.55 11.66
N ASP B 40 -3.60 -17.47 10.38
CA ASP B 40 -4.37 -18.06 9.30
C ASP B 40 -4.57 -19.54 9.43
N ASP B 41 -3.66 -20.22 10.13
CA ASP B 41 -3.79 -21.66 10.36
C ASP B 41 -4.29 -22.01 11.76
N ASP B 42 -4.84 -21.02 12.46
CA ASP B 42 -5.34 -21.20 13.83
C ASP B 42 -4.30 -21.73 14.80
N ASP B 43 -3.04 -21.40 14.52
CA ASP B 43 -1.92 -21.70 15.38
C ASP B 43 -1.22 -20.36 15.65
N GLY B 44 -1.99 -19.38 16.12
CA GLY B 44 -1.43 -18.05 16.32
C GLY B 44 -0.36 -17.99 17.40
N TRP B 45 -0.59 -18.70 18.51
CA TRP B 45 0.35 -18.58 19.61
C TRP B 45 1.75 -19.10 19.25
N SER B 46 1.82 -20.14 18.43
CA SER B 46 3.14 -20.61 17.98
C SER B 46 3.87 -19.54 17.18
N LYS B 47 3.11 -18.71 16.49
CA LYS B 47 3.74 -17.73 15.62
C LYS B 47 4.08 -16.46 16.37
N LEU B 48 3.42 -16.26 17.51
CA LEU B 48 3.58 -15.01 18.29
C LEU B 48 4.44 -15.11 19.55
N TYR B 49 4.64 -16.32 20.07
CA TYR B 49 5.28 -16.48 21.36
C TYR B 49 6.13 -17.74 21.45
N LYS B 50 7.33 -17.60 22.04
CA LYS B 50 8.14 -18.76 22.38
C LYS B 50 8.83 -18.38 23.67
N ASP B 51 8.82 -19.28 24.64
CA ASP B 51 9.47 -19.03 25.92
C ASP B 51 10.94 -18.69 25.70
N ASP B 52 11.54 -17.97 26.64
CA ASP B 52 12.93 -17.49 26.48
C ASP B 52 13.84 -18.59 25.93
N HIS B 53 14.62 -18.24 24.92
CA HIS B 53 15.45 -19.22 24.22
C HIS B 53 16.84 -18.65 23.95
N GLU B 54 17.86 -19.51 24.03
CA GLU B 54 19.21 -19.05 23.72
C GLU B 54 19.51 -19.20 22.24
N GLU B 55 20.31 -18.27 21.73
CA GLU B 55 20.57 -18.24 20.30
C GLU B 55 22.05 -17.96 20.10
N ASP B 56 22.63 -18.64 19.09
CA ASP B 56 24.06 -18.48 18.80
C ASP B 56 24.33 -17.15 18.11
N THR B 57 25.43 -16.52 18.49
CA THR B 57 25.95 -15.40 17.73
C THR B 57 26.92 -16.02 16.72
N ILE B 58 26.77 -15.63 15.45
CA ILE B 58 27.57 -16.24 14.38
C ILE B 58 28.74 -15.32 14.01
N GLY B 59 29.94 -15.88 13.95
CA GLY B 59 31.12 -15.12 13.55
C GLY B 59 31.28 -15.01 12.05
N GLU B 60 32.37 -14.40 11.64
CA GLU B 60 32.65 -14.17 10.24
C GLU B 60 33.01 -15.45 9.48
N ASP B 61 33.27 -16.52 10.21
CA ASP B 61 33.53 -17.84 9.61
C ASP B 61 32.26 -18.71 9.47
N GLY B 62 31.12 -18.17 9.88
CA GLY B 62 29.85 -18.90 9.76
C GLY B 62 29.56 -19.81 10.95
N ASN B 63 30.45 -19.77 11.95
CA ASN B 63 30.34 -20.59 13.16
C ASN B 63 29.91 -19.77 14.37
N ALA B 64 29.31 -20.43 15.36
CA ALA B 64 28.91 -19.74 16.58
C ALA B 64 30.18 -19.28 17.28
N CYS B 65 30.16 -18.02 17.71
CA CYS B 65 31.26 -17.41 18.44
C CYS B 65 30.83 -16.98 19.83
N GLY B 66 29.57 -17.20 20.14
CA GLY B 66 29.00 -16.79 21.43
C GLY B 66 27.53 -17.13 21.45
N LYS B 67 26.85 -16.74 22.51
CA LYS B 67 25.44 -16.99 22.64
C LYS B 67 24.81 -15.89 23.48
N VAL B 68 23.51 -15.74 23.31
CA VAL B 68 22.75 -14.80 24.10
C VAL B 68 21.43 -15.43 24.49
N SER B 69 20.83 -14.96 25.57
CA SER B 69 19.53 -15.42 26.01
C SER B 69 18.45 -14.45 25.52
N ILE B 70 17.51 -14.96 24.76
CA ILE B 70 16.47 -14.10 24.21
C ILE B 70 15.20 -14.16 25.03
N ASN B 71 14.77 -13.02 25.53
CA ASN B 71 13.45 -12.86 26.08
C ASN B 71 12.67 -12.14 24.97
N GLU B 72 11.77 -12.85 24.29
CA GLU B 72 11.10 -12.23 23.14
C GLU B 72 10.45 -10.89 23.48
N ALA B 73 9.75 -10.84 24.60
CA ALA B 73 9.08 -9.62 25.07
C ALA B 73 10.07 -8.45 25.16
N SER B 74 11.24 -8.70 25.75
CA SER B 74 12.27 -7.67 25.79
C SER B 74 12.60 -7.12 24.42
N THR B 75 12.74 -7.99 23.42
CA THR B 75 13.11 -7.57 22.07
C THR B 75 11.99 -6.79 21.39
N ILE B 76 10.74 -7.19 21.64
CA ILE B 76 9.57 -6.52 21.07
C ILE B 76 9.47 -5.11 21.66
N LYS B 77 9.56 -5.02 22.99
CA LYS B 77 9.53 -3.73 23.68
C LYS B 77 10.69 -2.82 23.22
N ALA B 78 11.91 -3.34 23.14
CA ALA B 78 13.03 -2.50 22.72
C ALA B 78 12.83 -2.01 21.28
N ALA B 79 12.41 -2.92 20.40
CA ALA B 79 12.20 -2.60 18.97
C ALA B 79 11.25 -1.41 18.80
N VAL B 80 10.24 -1.33 19.66
CA VAL B 80 9.26 -0.27 19.55
C VAL B 80 9.58 0.96 20.42
N ASP B 81 10.36 0.76 21.50
CA ASP B 81 10.70 1.83 22.48
C ASP B 81 11.95 2.57 22.08
N ASP B 82 12.99 1.81 21.77
CA ASP B 82 14.28 2.38 21.41
C ASP B 82 14.53 2.30 19.91
N GLY B 83 13.79 1.44 19.21
CA GLY B 83 14.13 1.08 17.83
C GLY B 83 15.33 0.15 17.64
N SER B 84 15.87 -0.41 18.72
CA SER B 84 17.09 -1.20 18.65
C SER B 84 16.84 -2.70 18.78
N ALA B 85 17.76 -3.49 18.25
CA ALA B 85 17.61 -4.94 18.20
C ALA B 85 18.97 -5.57 17.97
N PRO B 86 19.86 -5.45 18.96
CA PRO B 86 21.24 -5.92 18.81
C PRO B 86 21.36 -7.42 18.50
N ASN B 87 20.42 -8.19 19.01
CA ASN B 87 20.38 -9.63 18.83
C ASN B 87 19.19 -10.04 17.98
N GLY B 88 18.56 -9.05 17.36
CA GLY B 88 17.36 -9.28 16.55
C GLY B 88 16.09 -9.14 17.35
N VAL B 89 14.97 -9.10 16.63
CA VAL B 89 13.66 -9.12 17.25
C VAL B 89 13.13 -10.52 17.05
N TRP B 90 12.72 -11.15 18.14
CA TRP B 90 12.32 -12.55 18.08
C TRP B 90 10.87 -12.66 18.47
N ILE B 91 10.07 -13.23 17.56
CA ILE B 91 8.64 -13.41 17.76
C ILE B 91 8.33 -14.82 17.33
N GLY B 92 7.82 -15.63 18.24
CA GLY B 92 7.52 -17.02 17.94
C GLY B 92 8.73 -17.80 17.50
N GLY B 93 9.89 -17.45 18.03
CA GLY B 93 11.09 -18.20 17.69
C GLY B 93 11.73 -17.83 16.37
N GLN B 94 11.15 -16.84 15.71
CA GLN B 94 11.69 -16.39 14.41
C GLN B 94 12.38 -15.05 14.57
N LYS B 95 13.58 -14.94 13.98
CA LYS B 95 14.34 -13.69 14.05
C LYS B 95 13.93 -12.68 12.95
N TYR B 96 13.75 -11.44 13.36
CA TYR B 96 13.52 -10.34 12.43
C TYR B 96 14.57 -9.29 12.67
N LYS B 97 14.87 -8.50 11.64
CA LYS B 97 15.72 -7.32 11.82
C LYS B 97 14.87 -6.07 11.81
N VAL B 98 15.28 -5.05 12.56
CA VAL B 98 14.60 -3.78 12.51
C VAL B 98 14.98 -3.03 11.21
N VAL B 99 13.98 -2.71 10.39
CA VAL B 99 14.21 -1.94 9.16
C VAL B 99 14.05 -0.44 9.47
N ARG B 100 13.05 -0.10 10.24
CA ARG B 100 12.81 1.31 10.49
C ARG B 100 11.86 1.55 11.64
N PRO B 101 12.34 2.23 12.69
CA PRO B 101 11.46 2.65 13.77
C PRO B 101 11.03 4.09 13.52
N GLU B 102 9.78 4.42 13.84
CA GLU B 102 9.29 5.77 13.68
C GLU B 102 8.49 6.23 14.86
N LYS B 103 8.95 7.27 15.53
CA LYS B 103 8.19 7.81 16.66
C LYS B 103 7.20 8.83 16.17
N GLY B 104 6.05 8.87 16.82
CA GLY B 104 5.07 9.92 16.57
C GLY B 104 4.42 9.87 15.20
N PHE B 105 4.25 8.67 14.67
CA PHE B 105 3.60 8.46 13.40
C PHE B 105 2.10 8.76 13.50
N GLU B 106 1.62 9.62 12.61
CA GLU B 106 0.22 10.03 12.65
C GLU B 106 -0.58 9.19 11.69
N TYR B 107 -1.69 8.66 12.17
CA TYR B 107 -2.58 7.86 11.37
C TYR B 107 -3.96 8.31 11.77
N ASN B 108 -4.71 8.91 10.84
CA ASN B 108 -5.96 9.57 11.20
C ASN B 108 -5.83 10.46 12.43
N ASP B 109 -6.67 10.27 13.45
CA ASP B 109 -6.58 11.09 14.66
C ASP B 109 -5.69 10.46 15.74
N CYS B 110 -4.88 9.50 15.34
CA CYS B 110 -4.04 8.75 16.27
C CYS B 110 -2.59 9.13 16.08
N THR B 111 -1.80 8.95 17.13
CA THR B 111 -0.34 9.01 17.04
C THR B 111 0.25 7.76 17.64
N PHE B 112 1.09 7.05 16.87
CA PHE B 112 1.67 5.78 17.30
C PHE B 112 3.18 5.84 17.15
N ASP B 113 3.87 4.97 17.86
CA ASP B 113 5.26 4.70 17.56
C ASP B 113 5.25 3.37 16.79
N ILE B 114 5.80 3.35 15.60
CA ILE B 114 5.75 2.14 14.78
CA ILE B 114 5.75 2.13 14.78
C ILE B 114 7.13 1.64 14.37
N THR B 115 7.31 0.35 14.36
CA THR B 115 8.59 -0.19 13.87
C THR B 115 8.31 -1.24 12.84
N MSE B 116 9.02 -1.18 11.72
CA MSE B 116 8.90 -2.18 10.69
CA MSE B 116 8.89 -2.21 10.72
C MSE B 116 10.09 -3.11 10.80
O MSE B 116 11.22 -2.64 10.95
CB MSE B 116 8.88 -1.51 9.32
CB MSE B 116 8.78 -1.64 9.30
CG MSE B 116 8.38 -2.38 8.19
CG MSE B 116 8.36 -2.69 8.24
SE MSE B 116 8.43 -1.47 6.48
SE MSE B 116 9.86 -3.37 7.21
CE MSE B 116 7.06 -0.12 6.81
CE MSE B 116 9.05 -4.94 6.38
N CYS B 117 9.84 -4.43 10.75
CA CYS B 117 10.89 -5.45 10.88
C CYS B 117 10.79 -6.39 9.71
N ALA B 118 11.87 -7.07 9.40
CA ALA B 118 11.91 -7.90 8.21
C ALA B 118 12.64 -9.19 8.44
N ARG B 119 12.24 -10.21 7.68
CA ARG B 119 12.99 -11.46 7.62
C ARG B 119 13.04 -11.83 6.15
N SER B 120 13.63 -12.97 5.80
CA SER B 120 13.54 -13.41 4.44
C SER B 120 12.07 -13.62 4.05
N LYS B 121 11.65 -12.98 2.97
CA LYS B 121 10.31 -13.19 2.38
C LYS B 121 9.15 -12.87 3.31
N GLY B 122 9.36 -11.93 4.22
CA GLY B 122 8.26 -11.49 5.07
C GLY B 122 8.73 -10.46 6.08
N GLY B 123 7.89 -10.15 7.06
CA GLY B 123 8.23 -9.14 8.01
C GLY B 123 7.20 -8.99 9.11
N ALA B 124 7.33 -7.93 9.87
CA ALA B 124 6.51 -7.74 11.06
C ALA B 124 6.41 -6.26 11.32
N HIS B 125 5.21 -5.80 11.66
CA HIS B 125 4.96 -4.42 12.07
C HIS B 125 4.66 -4.43 13.55
N LEU B 126 5.27 -3.49 14.27
CA LEU B 126 4.99 -3.32 15.69
C LEU B 126 4.43 -1.91 15.90
N ILE B 127 3.25 -1.82 16.48
CA ILE B 127 2.57 -0.52 16.62
C ILE B 127 2.21 -0.26 18.04
N LYS B 128 2.90 0.71 18.66
CA LYS B 128 2.62 1.03 20.06
C LYS B 128 1.60 2.13 20.17
N THR B 129 0.53 1.85 20.89
CA THR B 129 -0.51 2.85 21.18
C THR B 129 -0.15 3.65 22.41
N PRO B 130 -0.72 4.88 22.52
CA PRO B 130 -0.47 5.75 23.66
C PRO B 130 -0.87 5.14 24.99
N ASN B 131 -1.91 4.33 25.01
CA ASN B 131 -2.35 3.73 26.25
C ASN B 131 -1.78 2.34 26.54
N GLY B 132 -0.76 1.94 25.79
CA GLY B 132 0.11 0.84 26.23
C GLY B 132 -0.09 -0.52 25.64
N SER B 133 -0.58 -0.58 24.40
CA SER B 133 -0.62 -1.88 23.69
C SER B 133 0.39 -1.81 22.59
N ILE B 134 0.91 -2.96 22.20
CA ILE B 134 1.68 -3.05 20.95
C ILE B 134 1.00 -4.05 20.04
N VAL B 135 0.49 -3.56 18.93
CA VAL B 135 -0.05 -4.45 17.90
C VAL B 135 1.09 -5.07 17.15
N ILE B 136 1.01 -6.37 16.95
CA ILE B 136 2.01 -7.11 16.17
C ILE B 136 1.32 -7.71 14.98
N ALA B 137 1.86 -7.44 13.79
CA ALA B 137 1.24 -7.92 12.56
C ALA B 137 2.33 -8.50 11.68
N LEU B 138 2.17 -9.78 11.37
CA LEU B 138 3.15 -10.50 10.53
C LEU B 138 2.63 -10.70 9.10
N TYR B 139 3.53 -10.58 8.12
CA TYR B 139 3.14 -10.82 6.73
C TYR B 139 4.14 -11.77 6.06
N ASP B 140 3.64 -12.55 5.11
CA ASP B 140 4.44 -13.56 4.44
C ASP B 140 4.36 -13.31 2.93
N GLU B 141 5.49 -12.96 2.34
CA GLU B 141 5.50 -12.66 0.89
C GLU B 141 5.18 -13.86 0.04
N GLU B 142 5.49 -15.06 0.52
CA GLU B 142 5.13 -16.26 -0.22
C GLU B 142 3.61 -16.53 -0.17
N LYS B 143 2.90 -15.82 0.69
CA LYS B 143 1.45 -15.85 0.67
C LYS B 143 0.85 -14.60 0.01
N GLU B 144 1.64 -13.95 -0.84
CA GLU B 144 1.16 -12.80 -1.62
C GLU B 144 0.78 -11.64 -0.73
N GLN B 145 1.41 -11.57 0.44
CA GLN B 145 1.22 -10.42 1.33
C GLN B 145 2.41 -9.48 1.16
N ASP B 146 2.21 -8.22 1.49
CA ASP B 146 3.30 -7.27 1.33
C ASP B 146 3.34 -6.33 2.51
N LYS B 147 4.47 -5.63 2.62
CA LYS B 147 4.73 -4.80 3.77
C LYS B 147 3.76 -3.63 3.86
N GLY B 148 3.33 -3.08 2.73
CA GLY B 148 2.46 -1.90 2.75
C GLY B 148 1.05 -2.23 3.20
N ASN B 149 0.46 -3.26 2.62
CA ASN B 149 -0.92 -3.58 2.94
C ASN B 149 -1.07 -4.14 4.34
N SER B 150 -0.08 -4.92 4.76
CA SER B 150 -0.11 -5.42 6.13
C SER B 150 0.06 -4.28 7.12
N ARG B 151 0.86 -3.29 6.76
CA ARG B 151 1.05 -2.13 7.63
C ARG B 151 -0.27 -1.38 7.83
N THR B 152 -1.00 -1.13 6.75
CA THR B 152 -2.27 -0.44 6.85
C THR B 152 -3.27 -1.23 7.71
N SER B 153 -3.26 -2.55 7.56
CA SER B 153 -4.13 -3.41 8.37
CA SER B 153 -4.14 -3.39 8.36
C SER B 153 -3.82 -3.27 9.85
N ALA B 154 -2.53 -3.25 10.18
CA ALA B 154 -2.07 -3.15 11.56
C ALA B 154 -2.48 -1.80 12.14
N LEU B 155 -2.32 -0.75 11.35
CA LEU B 155 -2.69 0.59 11.77
C LEU B 155 -4.18 0.70 12.03
N ALA B 156 -4.99 0.13 11.16
CA ALA B 156 -6.42 0.21 11.37
C ALA B 156 -6.80 -0.50 12.68
N PHE B 157 -6.19 -1.64 12.95
CA PHE B 157 -6.47 -2.32 14.22
C PHE B 157 -5.99 -1.49 15.44
N ALA B 158 -4.79 -0.92 15.33
CA ALA B 158 -4.26 -0.07 16.38
C ALA B 158 -5.16 1.13 16.63
N GLU B 159 -5.70 1.71 15.56
CA GLU B 159 -6.68 2.81 15.71
C GLU B 159 -7.93 2.34 16.50
N TYR B 160 -8.43 1.16 16.15
CA TYR B 160 -9.57 0.57 16.85
C TYR B 160 -9.27 0.37 18.34
N LEU B 161 -8.09 -0.17 18.65
CA LEU B 161 -7.68 -0.33 20.05
C LEU B 161 -7.63 1.00 20.75
N HIS B 162 -7.03 1.98 20.08
CA HIS B 162 -6.94 3.31 20.65
C HIS B 162 -8.27 3.94 20.95
N GLN B 163 -9.24 3.81 20.03
CA GLN B 163 -10.57 4.37 20.29
C GLN B 163 -11.20 3.73 21.50
N SER B 164 -10.87 2.46 21.69
CA SER B 164 -11.43 1.63 22.76
C SER B 164 -10.65 1.80 24.08
N GLY B 165 -9.60 2.61 24.07
CA GLY B 165 -8.82 2.95 25.26
C GLY B 165 -7.63 2.04 25.50
N TYR B 166 -7.31 1.21 24.54
CA TYR B 166 -6.14 0.33 24.60
C TYR B 166 -4.96 0.90 23.80
N GLY C 1 -10.81 24.74 -16.53
CA GLY C 1 -10.20 26.00 -17.03
C GLY C 1 -9.88 25.90 -18.52
N SER C 2 -8.95 26.72 -18.99
CA SER C 2 -8.38 26.55 -20.34
C SER C 2 -7.01 25.90 -20.23
N HIS C 3 -6.56 25.73 -19.00
CA HIS C 3 -5.37 24.96 -18.71
C HIS C 3 -4.13 25.66 -19.22
N MSE C 4 -4.18 26.99 -19.18
CA MSE C 4 -3.02 27.83 -19.50
C MSE C 4 -1.99 27.87 -18.39
O MSE C 4 -0.89 28.39 -18.57
CB MSE C 4 -3.47 29.25 -19.88
CG MSE C 4 -4.17 29.34 -21.23
SE MSE C 4 -3.05 28.64 -22.71
CE MSE C 4 -1.62 29.98 -22.58
N SER C 5 -2.33 27.33 -17.21
CA SER C 5 -1.35 27.28 -16.09
C SER C 5 -0.22 26.29 -16.38
N ASP C 6 0.94 26.49 -15.74
CA ASP C 6 2.08 25.62 -15.94
C ASP C 6 1.99 24.36 -15.07
N TRP C 7 1.18 23.40 -15.51
CA TRP C 7 0.80 22.24 -14.68
C TRP C 7 1.86 21.13 -14.69
N ASP C 8 2.60 21.00 -15.78
CA ASP C 8 3.50 19.84 -15.90
C ASP C 8 4.49 19.73 -14.72
N PRO C 9 5.12 20.85 -14.28
CA PRO C 9 6.05 20.72 -13.14
C PRO C 9 5.33 20.33 -11.85
N VAL C 10 4.06 20.72 -11.71
CA VAL C 10 3.27 20.41 -10.53
C VAL C 10 2.93 18.91 -10.52
N VAL C 11 2.47 18.39 -11.66
CA VAL C 11 2.28 16.93 -11.81
C VAL C 11 3.59 16.19 -11.51
N LYS C 12 4.68 16.67 -12.07
CA LYS C 12 5.95 16.02 -11.82
C LYS C 12 6.28 15.90 -10.32
N GLU C 13 6.18 17.01 -9.58
CA GLU C 13 6.62 17.01 -8.20
C GLU C 13 5.71 16.14 -7.34
N TRP C 14 4.43 16.13 -7.65
CA TRP C 14 3.48 15.35 -6.83
C TRP C 14 3.42 13.87 -7.15
N LEU C 15 3.55 13.52 -8.43
CA LEU C 15 3.36 12.13 -8.84
C LEU C 15 4.63 11.38 -9.22
N VAL C 16 5.65 12.11 -9.65
CA VAL C 16 6.83 11.46 -10.20
C VAL C 16 7.99 11.55 -9.22
N ASP C 17 8.24 12.75 -8.70
CA ASP C 17 9.40 12.95 -7.81
C ASP C 17 9.28 12.07 -6.59
N THR C 18 8.06 11.88 -6.10
CA THR C 18 7.81 11.05 -4.91
C THR C 18 8.06 9.57 -5.10
N GLY C 19 8.18 9.15 -6.36
CA GLY C 19 8.73 7.83 -6.69
C GLY C 19 7.75 6.68 -6.79
N TYR C 20 6.48 6.93 -6.47
CA TYR C 20 5.50 5.83 -6.47
C TYR C 20 4.85 5.60 -7.83
N CYS C 21 4.95 6.59 -8.71
CA CYS C 21 4.38 6.52 -10.07
C CYS C 21 5.47 6.79 -11.09
N CYS C 22 5.43 6.12 -12.23
CA CYS C 22 6.44 6.35 -13.27
C CYS C 22 6.06 7.54 -14.17
N ALA C 23 4.79 7.92 -14.15
CA ALA C 23 4.27 9.01 -14.97
C ALA C 23 2.90 9.41 -14.46
N GLY C 24 2.46 10.60 -14.82
CA GLY C 24 1.14 11.04 -14.40
C GLY C 24 0.70 12.24 -15.21
N GLY C 25 -0.54 12.67 -14.97
CA GLY C 25 -1.09 13.78 -15.69
C GLY C 25 -2.42 14.17 -15.12
N ILE C 26 -3.05 15.17 -15.72
CA ILE C 26 -4.38 15.58 -15.33
C ILE C 26 -5.17 15.74 -16.61
N ALA C 27 -6.43 15.30 -16.58
CA ALA C 27 -7.35 15.48 -17.71
C ALA C 27 -8.56 16.23 -17.23
N ASN C 28 -9.26 16.84 -18.18
CA ASN C 28 -10.48 17.53 -17.88
C ASN C 28 -11.60 16.52 -17.83
N ALA C 29 -12.31 16.43 -16.71
CA ALA C 29 -13.45 15.51 -16.61
C ALA C 29 -14.52 15.71 -17.69
N GLU C 30 -14.67 16.94 -18.20
CA GLU C 30 -15.73 17.17 -19.17
C GLU C 30 -15.53 16.50 -20.54
N ASP C 31 -14.28 16.21 -20.93
CA ASP C 31 -14.04 15.58 -22.22
C ASP C 31 -12.97 14.50 -22.18
N GLY C 32 -12.32 14.34 -21.03
CA GLY C 32 -11.27 13.36 -20.84
C GLY C 32 -9.90 13.76 -21.39
N VAL C 33 -9.76 14.98 -21.90
CA VAL C 33 -8.55 15.39 -22.60
C VAL C 33 -7.46 15.71 -21.60
N VAL C 34 -6.34 15.03 -21.74
CA VAL C 34 -5.18 15.28 -20.90
C VAL C 34 -4.65 16.69 -21.18
N PHE C 35 -4.45 17.49 -20.13
CA PHE C 35 -3.87 18.84 -20.31
C PHE C 35 -2.54 19.01 -19.58
N ALA C 36 -2.13 17.97 -18.85
CA ALA C 36 -0.87 18.03 -18.08
C ALA C 36 -0.25 16.64 -18.02
N ALA C 37 1.07 16.57 -18.05
CA ALA C 37 1.77 15.26 -18.13
C ALA C 37 3.20 15.38 -17.60
N ALA C 38 3.70 14.31 -17.00
CA ALA C 38 5.07 14.26 -16.50
C ALA C 38 5.48 12.82 -16.38
N ALA C 39 6.79 12.57 -16.43
CA ALA C 39 7.28 11.20 -16.31
C ALA C 39 8.68 11.16 -15.76
N ASP C 40 9.08 9.99 -15.28
CA ASP C 40 10.38 9.82 -14.67
C ASP C 40 11.53 9.98 -15.67
N ASP C 41 11.23 9.96 -16.96
CA ASP C 41 12.25 10.18 -17.98
C ASP C 41 12.08 11.51 -18.71
N ASP C 42 11.27 12.40 -18.15
CA ASP C 42 11.01 13.69 -18.76
C ASP C 42 10.49 13.55 -20.18
N ASP C 43 9.75 12.47 -20.42
CA ASP C 43 9.00 12.28 -21.64
C ASP C 43 7.56 11.97 -21.23
N GLY C 44 6.97 12.84 -20.41
CA GLY C 44 5.63 12.60 -19.85
C GLY C 44 4.54 12.59 -20.90
N TRP C 45 4.64 13.45 -21.90
CA TRP C 45 3.58 13.52 -22.88
C TRP C 45 3.47 12.25 -23.73
N SER C 46 4.60 11.58 -24.00
CA SER C 46 4.54 10.31 -24.73
C SER C 46 3.79 9.26 -23.95
N LYS C 47 3.90 9.33 -22.62
CA LYS C 47 3.28 8.33 -21.76
C LYS C 47 1.81 8.60 -21.54
N LEU C 48 1.43 9.86 -21.71
CA LEU C 48 0.08 10.32 -21.35
C LEU C 48 -0.86 10.55 -22.53
N TYR C 49 -0.29 10.72 -23.71
CA TYR C 49 -1.12 11.07 -24.87
C TYR C 49 -0.59 10.46 -26.15
N LYS C 50 -1.52 9.96 -26.98
CA LYS C 50 -1.23 9.68 -28.37
C LYS C 50 -2.46 10.10 -29.16
N ASP C 51 -2.23 10.72 -30.30
CA ASP C 51 -3.31 11.13 -31.21
C ASP C 51 -4.10 9.91 -31.64
N ASP C 52 -5.36 10.12 -32.02
CA ASP C 52 -6.28 8.99 -32.24
C ASP C 52 -5.62 7.90 -33.07
N HIS C 53 -5.78 6.65 -32.65
CA HIS C 53 -5.04 5.55 -33.28
C HIS C 53 -5.89 4.30 -33.41
N GLU C 54 -5.72 3.60 -34.53
CA GLU C 54 -6.53 2.42 -34.81
C GLU C 54 -6.02 1.21 -34.02
N GLU C 55 -6.92 0.48 -33.40
CA GLU C 55 -6.56 -0.68 -32.61
C GLU C 55 -7.57 -1.79 -32.87
N ASP C 56 -7.26 -3.01 -32.44
CA ASP C 56 -8.19 -4.13 -32.58
C ASP C 56 -9.36 -4.02 -31.64
N THR C 57 -10.53 -4.43 -32.13
CA THR C 57 -11.62 -4.82 -31.25
C THR C 57 -11.42 -6.30 -30.97
N ILE C 58 -11.87 -6.72 -29.79
CA ILE C 58 -11.68 -8.10 -29.31
C ILE C 58 -13.05 -8.74 -29.08
N GLY C 59 -13.23 -9.97 -29.56
CA GLY C 59 -14.50 -10.69 -29.36
C GLY C 59 -14.61 -11.19 -27.93
N GLU C 60 -15.75 -11.77 -27.60
CA GLU C 60 -15.93 -12.38 -26.27
C GLU C 60 -14.96 -13.53 -26.00
N ASP C 61 -14.51 -14.17 -27.08
CA ASP C 61 -13.52 -15.24 -26.95
C ASP C 61 -12.10 -14.72 -26.72
N GLY C 62 -11.95 -13.40 -26.71
CA GLY C 62 -10.63 -12.78 -26.51
C GLY C 62 -9.77 -12.67 -27.77
N ASN C 63 -10.33 -12.99 -28.92
CA ASN C 63 -9.63 -12.85 -30.20
C ASN C 63 -10.04 -11.59 -30.96
N ALA C 64 -9.11 -11.06 -31.76
CA ALA C 64 -9.34 -9.85 -32.54
C ALA C 64 -10.44 -10.09 -33.58
N CYS C 65 -11.44 -9.21 -33.60
CA CYS C 65 -12.60 -9.39 -34.49
C CYS C 65 -12.88 -8.18 -35.40
N GLY C 66 -12.01 -7.18 -35.34
CA GLY C 66 -12.17 -6.00 -36.17
C GLY C 66 -11.23 -4.92 -35.67
N LYS C 67 -11.52 -3.68 -36.06
CA LYS C 67 -10.71 -2.55 -35.65
C LYS C 67 -11.62 -1.44 -35.21
N VAL C 68 -11.05 -0.51 -34.45
CA VAL C 68 -11.77 0.71 -34.04
C VAL C 68 -10.76 1.85 -33.93
N SER C 69 -11.17 3.06 -34.33
CA SER C 69 -10.37 4.25 -34.02
C SER C 69 -10.54 4.60 -32.55
N ILE C 70 -9.42 4.68 -31.83
CA ILE C 70 -9.45 5.11 -30.43
C ILE C 70 -9.14 6.57 -30.23
N ASN C 71 -10.07 7.29 -29.61
CA ASN C 71 -9.77 8.63 -29.09
C ASN C 71 -9.47 8.48 -27.60
N GLU C 72 -8.23 8.73 -27.23
CA GLU C 72 -7.81 8.40 -25.87
C GLU C 72 -8.67 9.10 -24.82
N ALA C 73 -8.90 10.39 -25.02
CA ALA C 73 -9.73 11.17 -24.10
C ALA C 73 -11.10 10.51 -23.88
N SER C 74 -11.72 10.04 -24.97
CA SER C 74 -13.03 9.40 -24.86
CA SER C 74 -13.03 9.40 -24.84
C SER C 74 -12.98 8.18 -23.93
N THR C 75 -11.92 7.38 -24.04
CA THR C 75 -11.82 6.18 -23.23
C THR C 75 -11.59 6.54 -21.76
N ILE C 76 -10.87 7.63 -21.52
CA ILE C 76 -10.61 8.12 -20.16
C ILE C 76 -11.89 8.64 -19.49
N LYS C 77 -12.64 9.45 -20.21
CA LYS C 77 -13.92 9.95 -19.73
C LYS C 77 -14.91 8.81 -19.52
N ALA C 78 -14.89 7.81 -20.40
CA ALA C 78 -15.84 6.69 -20.26
C ALA C 78 -15.55 5.85 -19.03
N ALA C 79 -14.27 5.58 -18.79
CA ALA C 79 -13.86 4.80 -17.65
C ALA C 79 -14.32 5.51 -16.38
N VAL C 80 -14.18 6.83 -16.36
CA VAL C 80 -14.55 7.62 -15.19
C VAL C 80 -16.05 7.78 -15.04
N ASP C 81 -16.71 8.14 -16.13
CA ASP C 81 -18.13 8.44 -16.10
C ASP C 81 -19.02 7.20 -16.00
N ASP C 82 -18.60 6.12 -16.67
CA ASP C 82 -19.44 4.94 -16.83
C ASP C 82 -18.94 3.74 -16.08
N GLY C 83 -17.68 3.80 -15.64
CA GLY C 83 -17.03 2.67 -15.02
C GLY C 83 -16.81 1.54 -15.99
N SER C 84 -16.76 1.88 -17.29
CA SER C 84 -16.74 0.89 -18.36
C SER C 84 -16.05 1.50 -19.57
N ALA C 85 -15.15 0.73 -20.20
CA ALA C 85 -14.51 1.17 -21.43
C ALA C 85 -14.60 0.04 -22.45
N PRO C 86 -15.57 0.15 -23.39
CA PRO C 86 -15.96 -0.87 -24.38
C PRO C 86 -14.80 -1.44 -25.18
N ASN C 87 -13.80 -0.61 -25.51
CA ASN C 87 -12.63 -1.08 -26.26
C ASN C 87 -11.32 -0.86 -25.53
N GLY C 88 -11.41 -0.75 -24.21
CA GLY C 88 -10.24 -0.52 -23.38
C GLY C 88 -10.00 0.94 -23.11
N VAL C 89 -9.17 1.21 -22.11
CA VAL C 89 -8.71 2.55 -21.80
C VAL C 89 -7.34 2.67 -22.44
N TRP C 90 -7.12 3.73 -23.20
CA TRP C 90 -5.86 3.91 -23.89
C TRP C 90 -5.24 5.20 -23.47
N ILE C 91 -4.04 5.12 -22.90
CA ILE C 91 -3.30 6.28 -22.44
C ILE C 91 -1.88 6.15 -22.95
N GLY C 92 -1.43 7.12 -23.76
CA GLY C 92 -0.10 7.07 -24.33
C GLY C 92 0.08 5.88 -25.25
N GLY C 93 -1.00 5.46 -25.93
CA GLY C 93 -0.92 4.33 -26.84
C GLY C 93 -0.98 2.96 -26.19
N GLN C 94 -1.05 2.95 -24.87
CA GLN C 94 -1.10 1.71 -24.11
C GLN C 94 -2.51 1.38 -23.66
N LYS C 95 -2.90 0.13 -23.85
CA LYS C 95 -4.23 -0.34 -23.46
C LYS C 95 -4.28 -0.80 -22.01
N TYR C 96 -5.34 -0.40 -21.31
CA TYR C 96 -5.58 -0.86 -19.95
C TYR C 96 -6.99 -1.41 -19.90
N LYS C 97 -7.24 -2.31 -18.95
CA LYS C 97 -8.58 -2.80 -18.69
C LYS C 97 -9.10 -2.07 -17.47
N VAL C 98 -10.38 -1.70 -17.49
CA VAL C 98 -10.99 -1.12 -16.29
C VAL C 98 -11.18 -2.29 -15.32
N VAL C 99 -10.32 -2.34 -14.31
CA VAL C 99 -10.31 -3.50 -13.37
C VAL C 99 -11.30 -3.34 -12.25
N ARG C 100 -11.45 -2.11 -11.78
CA ARG C 100 -12.33 -1.86 -10.65
C ARG C 100 -12.54 -0.37 -10.51
N PRO C 101 -13.79 0.07 -10.58
CA PRO C 101 -14.24 1.43 -10.29
C PRO C 101 -14.84 1.56 -8.89
N GLU C 102 -14.81 2.76 -8.34
CA GLU C 102 -15.47 3.03 -7.06
C GLU C 102 -15.98 4.47 -7.04
N LYS C 103 -17.30 4.64 -6.99
CA LYS C 103 -17.90 5.96 -6.88
C LYS C 103 -17.89 6.42 -5.46
N GLY C 104 -17.74 7.72 -5.25
CA GLY C 104 -17.87 8.30 -3.92
C GLY C 104 -16.90 7.75 -2.89
N PHE C 105 -15.67 7.49 -3.33
CA PHE C 105 -14.62 7.01 -2.45
C PHE C 105 -14.16 8.13 -1.53
N GLU C 106 -14.17 7.86 -0.24
CA GLU C 106 -13.76 8.85 0.74
C GLU C 106 -12.29 8.75 1.04
N TYR C 107 -11.60 9.88 0.92
CA TYR C 107 -10.19 9.98 1.26
C TYR C 107 -10.02 11.24 2.10
N ASN C 108 -9.61 11.05 3.35
CA ASN C 108 -9.56 12.14 4.31
C ASN C 108 -10.88 12.91 4.30
N ASP C 109 -10.84 14.20 4.04
CA ASP C 109 -12.07 15.00 3.98
C ASP C 109 -12.64 15.11 2.57
N CYS C 110 -12.08 14.35 1.64
CA CYS C 110 -12.49 14.40 0.23
C CYS C 110 -13.33 13.20 -0.15
N THR C 111 -14.12 13.35 -1.20
CA THR C 111 -14.71 12.19 -1.86
C THR C 111 -14.50 12.27 -3.36
N PHE C 112 -14.03 11.17 -3.91
CA PHE C 112 -13.66 11.11 -5.30
C PHE C 112 -14.39 9.97 -5.96
N ASP C 113 -14.48 10.00 -7.29
CA ASP C 113 -14.83 8.80 -8.01
C ASP C 113 -13.52 8.29 -8.58
N ILE C 114 -13.22 7.03 -8.30
CA ILE C 114 -11.92 6.50 -8.70
C ILE C 114 -12.09 5.27 -9.57
N THR C 115 -11.11 5.03 -10.43
CA THR C 115 -11.14 3.89 -11.30
C THR C 115 -9.74 3.34 -11.34
N MSE C 116 -9.64 2.04 -11.23
CA MSE C 116 -8.34 1.40 -11.39
CA MSE C 116 -8.36 1.39 -11.37
C MSE C 116 -8.29 0.68 -12.72
O MSE C 116 -9.21 -0.08 -13.08
CB MSE C 116 -8.05 0.45 -10.24
CB MSE C 116 -8.19 0.40 -10.21
CG MSE C 116 -6.61 -0.02 -10.20
CG MSE C 116 -7.27 -0.75 -10.49
SE MSE C 116 -6.15 -0.99 -8.58
SE MSE C 116 -5.46 -0.15 -10.64
CE MSE C 116 -7.42 -2.46 -8.72
CE MSE C 116 -4.71 -1.83 -11.33
N CYS C 117 -7.23 0.93 -13.49
CA CYS C 117 -7.06 0.25 -14.79
C CYS C 117 -5.77 -0.53 -14.79
N ALA C 118 -5.78 -1.72 -15.40
CA ALA C 118 -4.61 -2.58 -15.35
C ALA C 118 -4.07 -2.92 -16.70
N ARG C 119 -2.77 -3.18 -16.74
CA ARG C 119 -2.12 -3.80 -17.87
C ARG C 119 -1.13 -4.84 -17.33
N SER C 120 -0.45 -5.54 -18.24
CA SER C 120 0.63 -6.44 -17.88
C SER C 120 1.75 -5.69 -17.15
N LYS C 121 1.97 -6.04 -15.88
CA LYS C 121 3.08 -5.50 -15.10
C LYS C 121 2.93 -4.01 -14.76
N GLY C 122 1.71 -3.53 -14.63
CA GLY C 122 1.51 -2.12 -14.27
C GLY C 122 0.05 -1.72 -14.38
N GLY C 123 -0.23 -0.44 -14.22
CA GLY C 123 -1.61 -0.01 -14.28
C GLY C 123 -1.73 1.49 -14.16
N ALA C 124 -2.95 1.95 -13.96
CA ALA C 124 -3.24 3.39 -13.90
C ALA C 124 -4.42 3.67 -12.99
N HIS C 125 -4.34 4.76 -12.25
CA HIS C 125 -5.40 5.21 -11.38
C HIS C 125 -5.96 6.45 -12.01
N LEU C 126 -7.28 6.50 -12.13
CA LEU C 126 -8.00 7.70 -12.52
C LEU C 126 -8.82 8.21 -11.34
N ILE C 127 -8.57 9.45 -10.91
CA ILE C 127 -9.23 9.99 -9.72
C ILE C 127 -9.91 11.26 -10.13
N LYS C 128 -11.25 11.25 -10.09
CA LYS C 128 -12.00 12.41 -10.50
C LYS C 128 -12.39 13.27 -9.31
N THR C 129 -11.98 14.54 -9.33
CA THR C 129 -12.37 15.48 -8.28
C THR C 129 -13.80 15.97 -8.58
N PRO C 130 -14.50 16.44 -7.56
CA PRO C 130 -15.85 16.97 -7.81
C PRO C 130 -15.87 18.20 -8.73
N ASN C 131 -14.78 18.96 -8.76
CA ASN C 131 -14.70 20.14 -9.64
C ASN C 131 -14.14 19.86 -11.03
N GLY C 132 -13.99 18.59 -11.38
CA GLY C 132 -13.77 18.22 -12.77
C GLY C 132 -12.34 18.03 -13.23
N SER C 133 -11.42 17.68 -12.33
CA SER C 133 -10.10 17.25 -12.73
C SER C 133 -10.06 15.74 -12.63
N ILE C 134 -9.39 15.10 -13.58
CA ILE C 134 -9.10 13.69 -13.44
C ILE C 134 -7.60 13.52 -13.26
N VAL C 135 -7.17 13.12 -12.06
CA VAL C 135 -5.77 12.76 -11.85
C VAL C 135 -5.52 11.41 -12.52
N ILE C 136 -4.44 11.34 -13.28
CA ILE C 136 -4.02 10.09 -13.90
C ILE C 136 -2.63 9.72 -13.38
N ALA C 137 -2.53 8.53 -12.79
CA ALA C 137 -1.26 8.13 -12.18
C ALA C 137 -0.90 6.74 -12.69
N LEU C 138 0.25 6.64 -13.34
CA LEU C 138 0.72 5.36 -13.89
C LEU C 138 1.79 4.72 -13.03
N TYR C 139 1.67 3.40 -12.83
CA TYR C 139 2.72 2.68 -12.14
C TYR C 139 3.24 1.49 -12.95
N ASP C 140 4.49 1.17 -12.72
CA ASP C 140 5.17 0.12 -13.44
C ASP C 140 5.74 -0.89 -12.45
N GLU C 141 5.18 -2.08 -12.44
CA GLU C 141 5.68 -3.10 -11.52
C GLU C 141 7.12 -3.49 -11.78
N GLU C 142 7.60 -3.26 -13.01
CA GLU C 142 8.99 -3.55 -13.36
C GLU C 142 9.92 -2.52 -12.75
N LYS C 143 9.35 -1.41 -12.26
CA LYS C 143 10.12 -0.38 -11.57
C LYS C 143 9.86 -0.39 -10.06
N GLU C 144 9.48 -1.55 -9.54
CA GLU C 144 9.24 -1.74 -8.10
C GLU C 144 8.16 -0.81 -7.60
N GLN C 145 7.20 -0.49 -8.45
CA GLN C 145 6.06 0.28 -8.04
C GLN C 145 4.88 -0.67 -7.89
N ASP C 146 3.87 -0.25 -7.15
CA ASP C 146 2.73 -1.12 -6.97
C ASP C 146 1.45 -0.32 -6.93
N LYS C 147 0.30 -1.01 -7.05
CA LYS C 147 -0.97 -0.33 -7.17
C LYS C 147 -1.36 0.44 -5.91
N GLY C 148 -1.02 -0.08 -4.73
CA GLY C 148 -1.42 0.56 -3.47
C GLY C 148 -0.73 1.90 -3.22
N ASN C 149 0.59 1.89 -3.28
CA ASN C 149 1.37 3.12 -3.06
C ASN C 149 1.09 4.18 -4.13
N SER C 150 0.93 3.74 -5.38
CA SER C 150 0.63 4.69 -6.47
C SER C 150 -0.76 5.29 -6.30
N ARG C 151 -1.71 4.49 -5.78
CA ARG C 151 -3.06 4.99 -5.56
C ARG C 151 -3.05 6.07 -4.49
N THR C 152 -2.33 5.79 -3.40
CA THR C 152 -2.22 6.78 -2.33
C THR C 152 -1.58 8.08 -2.82
N SER C 153 -0.56 7.97 -3.66
CA SER C 153 0.07 9.13 -4.26
CA SER C 153 0.08 9.13 -4.26
C SER C 153 -0.93 9.90 -5.12
N ALA C 154 -1.71 9.16 -5.90
CA ALA C 154 -2.73 9.76 -6.78
C ALA C 154 -3.77 10.48 -5.93
N LEU C 155 -4.21 9.83 -4.85
CA LEU C 155 -5.21 10.43 -3.95
C LEU C 155 -4.71 11.68 -3.28
N ALA C 156 -3.47 11.66 -2.80
CA ALA C 156 -2.88 12.86 -2.18
C ALA C 156 -2.85 14.04 -3.16
N PHE C 157 -2.50 13.76 -4.39
CA PHE C 157 -2.50 14.83 -5.41
C PHE C 157 -3.93 15.32 -5.70
N ALA C 158 -4.86 14.38 -5.86
CA ALA C 158 -6.27 14.74 -6.03
C ALA C 158 -6.80 15.60 -4.88
N GLU C 159 -6.41 15.25 -3.64
CA GLU C 159 -6.81 16.06 -2.47
C GLU C 159 -6.25 17.48 -2.57
N TYR C 160 -4.97 17.61 -2.94
CA TYR C 160 -4.37 18.93 -3.14
C TYR C 160 -5.11 19.77 -4.18
N LEU C 161 -5.42 19.14 -5.31
CA LEU C 161 -6.19 19.82 -6.36
C LEU C 161 -7.54 20.26 -5.81
N HIS C 162 -8.22 19.33 -5.14
CA HIS C 162 -9.52 19.65 -4.55
C HIS C 162 -9.43 20.81 -3.58
N GLN C 163 -8.42 20.81 -2.70
CA GLN C 163 -8.31 21.90 -1.71
C GLN C 163 -7.98 23.23 -2.40
N SER C 164 -7.40 23.13 -3.58
CA SER C 164 -6.97 24.30 -4.30
C SER C 164 -8.02 24.80 -5.30
N GLY C 165 -9.19 24.16 -5.34
CA GLY C 165 -10.28 24.58 -6.20
C GLY C 165 -10.44 23.85 -7.51
N TYR C 166 -9.66 22.79 -7.70
CA TYR C 166 -9.72 22.01 -8.92
C TYR C 166 -10.32 20.64 -8.68
N GLY D 1 -5.19 -13.99 -9.89
CA GLY D 1 -4.70 -12.63 -9.52
C GLY D 1 -5.11 -11.58 -10.53
N SER D 2 -4.91 -11.90 -11.82
CA SER D 2 -5.26 -10.99 -12.92
C SER D 2 -6.13 -11.65 -13.99
N HIS D 3 -7.13 -10.90 -14.46
CA HIS D 3 -8.17 -11.40 -15.37
C HIS D 3 -8.47 -10.37 -16.45
N MSE D 4 -7.62 -10.33 -17.45
CA MSE D 4 -7.63 -9.25 -18.43
C MSE D 4 -8.75 -9.32 -19.47
O MSE D 4 -8.94 -8.36 -20.24
CB MSE D 4 -6.26 -9.12 -19.11
CG MSE D 4 -5.12 -8.73 -18.13
SE MSE D 4 -5.41 -6.92 -17.35
CE MSE D 4 -5.31 -5.89 -19.09
N SER D 5 -9.51 -10.43 -19.52
CA SER D 5 -10.62 -10.56 -20.47
C SER D 5 -11.75 -9.56 -20.13
N ASP D 6 -12.52 -9.14 -21.14
CA ASP D 6 -13.61 -8.19 -20.93
C ASP D 6 -14.86 -8.90 -20.43
N TRP D 7 -14.88 -9.23 -19.15
CA TRP D 7 -15.95 -10.08 -18.59
C TRP D 7 -17.28 -9.37 -18.37
N ASP D 8 -17.24 -8.07 -18.07
CA ASP D 8 -18.47 -7.41 -17.58
C ASP D 8 -19.70 -7.60 -18.50
N PRO D 9 -19.52 -7.44 -19.82
CA PRO D 9 -20.62 -7.64 -20.79
C PRO D 9 -21.17 -9.06 -20.80
N VAL D 10 -20.30 -10.03 -20.62
CA VAL D 10 -20.68 -11.42 -20.55
C VAL D 10 -21.51 -11.71 -19.29
N VAL D 11 -21.05 -11.24 -18.13
CA VAL D 11 -21.86 -11.30 -16.91
C VAL D 11 -23.23 -10.66 -17.15
N LYS D 12 -23.23 -9.48 -17.74
CA LYS D 12 -24.49 -8.80 -17.97
C LYS D 12 -25.44 -9.66 -18.82
N GLU D 13 -24.94 -10.18 -19.93
CA GLU D 13 -25.85 -10.89 -20.82
C GLU D 13 -26.41 -12.16 -20.19
N TRP D 14 -25.57 -12.87 -19.42
CA TRP D 14 -26.00 -14.14 -18.78
C TRP D 14 -26.89 -13.98 -17.55
N LEU D 15 -26.60 -12.97 -16.73
CA LEU D 15 -27.28 -12.83 -15.43
C LEU D 15 -28.31 -11.72 -15.38
N VAL D 16 -28.05 -10.63 -16.10
CA VAL D 16 -28.90 -9.44 -15.97
C VAL D 16 -29.89 -9.34 -17.13
N ASP D 17 -29.37 -9.44 -18.36
CA ASP D 17 -30.25 -9.27 -19.53
C ASP D 17 -31.33 -10.32 -19.57
N THR D 18 -31.05 -11.49 -18.99
CA THR D 18 -32.02 -12.59 -18.90
C THR D 18 -33.12 -12.30 -17.90
N GLY D 19 -32.91 -11.29 -17.06
CA GLY D 19 -33.98 -10.69 -16.27
C GLY D 19 -34.19 -11.24 -14.86
N TYR D 20 -33.52 -12.31 -14.51
CA TYR D 20 -33.76 -12.97 -13.22
C TYR D 20 -32.93 -12.41 -12.07
N CYS D 21 -31.83 -11.76 -12.40
CA CYS D 21 -30.95 -11.17 -11.40
C CYS D 21 -30.83 -9.70 -11.64
N CYS D 22 -30.75 -8.93 -10.57
CA CYS D 22 -30.64 -7.49 -10.71
C CYS D 22 -29.18 -7.05 -10.87
N ALA D 23 -28.27 -7.92 -10.46
CA ALA D 23 -26.82 -7.67 -10.60
C ALA D 23 -26.07 -8.98 -10.49
N GLY D 24 -24.82 -8.96 -10.90
CA GLY D 24 -24.02 -10.15 -10.79
C GLY D 24 -22.57 -9.88 -11.02
N GLY D 25 -21.76 -10.91 -10.85
CA GLY D 25 -20.33 -10.74 -10.98
C GLY D 25 -19.62 -12.07 -10.95
N ILE D 26 -18.30 -12.03 -11.05
CA ILE D 26 -17.49 -13.22 -10.88
C ILE D 26 -16.32 -12.83 -9.99
N ALA D 27 -16.01 -13.70 -9.04
CA ALA D 27 -14.84 -13.54 -8.17
C ALA D 27 -13.84 -14.68 -8.42
N ASN D 28 -12.57 -14.44 -8.10
CA ASN D 28 -11.57 -15.50 -8.09
C ASN D 28 -11.80 -16.34 -6.82
N ALA D 29 -11.92 -17.65 -6.95
CA ALA D 29 -12.13 -18.50 -5.77
C ALA D 29 -10.90 -18.56 -4.86
N GLU D 30 -9.73 -18.25 -5.41
CA GLU D 30 -8.52 -18.34 -4.60
C GLU D 30 -8.42 -17.24 -3.54
N ASP D 31 -9.11 -16.13 -3.75
CA ASP D 31 -9.04 -15.03 -2.81
C ASP D 31 -10.36 -14.28 -2.59
N GLY D 32 -11.39 -14.67 -3.33
CA GLY D 32 -12.69 -14.02 -3.21
C GLY D 32 -12.84 -12.68 -3.88
N VAL D 33 -11.82 -12.22 -4.61
CA VAL D 33 -11.83 -10.88 -5.20
C VAL D 33 -12.69 -10.82 -6.46
N VAL D 34 -13.68 -9.93 -6.43
CA VAL D 34 -14.53 -9.70 -7.60
C VAL D 34 -13.72 -9.10 -8.75
N PHE D 35 -13.76 -9.74 -9.91
CA PHE D 35 -13.07 -9.22 -11.07
C PHE D 35 -13.99 -8.86 -12.23
N ALA D 36 -15.28 -9.12 -12.08
CA ALA D 36 -16.26 -8.84 -13.13
C ALA D 36 -17.56 -8.50 -12.45
N ALA D 37 -18.28 -7.52 -13.00
CA ALA D 37 -19.54 -7.04 -12.41
C ALA D 37 -20.49 -6.45 -13.44
N ALA D 38 -21.78 -6.56 -13.20
CA ALA D 38 -22.78 -5.97 -14.09
C ALA D 38 -24.07 -5.76 -13.31
N ALA D 39 -24.90 -4.86 -13.78
CA ALA D 39 -26.19 -4.59 -13.10
C ALA D 39 -27.22 -4.02 -14.04
N ASP D 40 -28.48 -4.13 -13.63
CA ASP D 40 -29.61 -3.68 -14.44
C ASP D 40 -29.55 -2.18 -14.71
N ASP D 41 -28.87 -1.44 -13.84
CA ASP D 41 -28.74 -0.01 -14.03
C ASP D 41 -27.36 0.39 -14.52
N ASP D 42 -26.57 -0.59 -14.98
CA ASP D 42 -25.19 -0.34 -15.40
C ASP D 42 -24.32 0.34 -14.34
N ASP D 43 -24.60 0.03 -13.08
CA ASP D 43 -23.75 0.41 -11.97
C ASP D 43 -23.38 -0.88 -11.25
N GLY D 44 -22.86 -1.85 -12.02
CA GLY D 44 -22.57 -3.18 -11.51
C GLY D 44 -21.51 -3.18 -10.42
N TRP D 45 -20.45 -2.42 -10.64
CA TRP D 45 -19.35 -2.38 -9.67
C TRP D 45 -19.76 -1.86 -8.30
N SER D 46 -20.68 -0.90 -8.24
CA SER D 46 -21.14 -0.41 -6.94
C SER D 46 -21.92 -1.49 -6.21
N LYS D 47 -22.61 -2.36 -6.94
CA LYS D 47 -23.41 -3.40 -6.31
C LYS D 47 -22.59 -4.60 -5.91
N LEU D 48 -21.41 -4.77 -6.53
CA LEU D 48 -20.57 -5.96 -6.34
C LEU D 48 -19.33 -5.75 -5.47
N TYR D 49 -18.95 -4.50 -5.29
CA TYR D 49 -17.67 -4.22 -4.63
C TYR D 49 -17.66 -2.92 -3.86
N LYS D 50 -17.11 -2.98 -2.64
CA LYS D 50 -16.79 -1.76 -1.86
C LYS D 50 -15.45 -2.00 -1.19
N ASP D 51 -14.57 -1.01 -1.20
CA ASP D 51 -13.25 -1.13 -0.56
C ASP D 51 -13.48 -1.43 0.92
N ASP D 52 -12.47 -1.98 1.58
CA ASP D 52 -12.64 -2.48 2.98
C ASP D 52 -13.30 -1.45 3.87
N HIS D 53 -14.29 -1.88 4.64
CA HIS D 53 -15.08 -0.95 5.39
C HIS D 53 -15.41 -1.48 6.78
N GLU D 54 -15.37 -0.59 7.76
CA GLU D 54 -15.64 -0.96 9.15
C GLU D 54 -17.14 -1.12 9.42
N GLU D 55 -17.49 -2.20 10.09
CA GLU D 55 -18.90 -2.51 10.36
C GLU D 55 -19.03 -2.98 11.80
N ASP D 56 -20.26 -2.96 12.33
CA ASP D 56 -20.51 -3.52 13.65
C ASP D 56 -20.29 -5.00 13.72
N THR D 57 -19.75 -5.45 14.85
CA THR D 57 -19.79 -6.88 15.21
C THR D 57 -21.01 -7.04 16.10
N ILE D 58 -21.62 -8.20 16.05
CA ILE D 58 -22.91 -8.43 16.70
C ILE D 58 -22.82 -9.57 17.71
N GLY D 59 -23.41 -9.35 18.89
CA GLY D 59 -23.41 -10.42 19.92
C GLY D 59 -24.53 -11.41 19.68
N GLU D 60 -24.59 -12.47 20.49
CA GLU D 60 -25.66 -13.46 20.34
C GLU D 60 -27.04 -12.87 20.51
N ASP D 61 -27.11 -11.73 21.18
CA ASP D 61 -28.40 -11.11 21.44
C ASP D 61 -28.84 -10.16 20.33
N GLY D 62 -28.03 -10.06 19.28
CA GLY D 62 -28.30 -9.21 18.14
C GLY D 62 -27.86 -7.77 18.31
N ASN D 63 -27.28 -7.45 19.46
CA ASN D 63 -26.81 -6.10 19.73
C ASN D 63 -25.36 -5.90 19.27
N ALA D 64 -25.04 -4.70 18.81
CA ALA D 64 -23.66 -4.38 18.45
C ALA D 64 -22.76 -4.54 19.66
N CYS D 65 -21.63 -5.22 19.52
CA CYS D 65 -20.74 -5.42 20.66
C CYS D 65 -19.30 -5.01 20.36
N GLY D 66 -19.11 -4.43 19.18
CA GLY D 66 -17.77 -3.97 18.76
C GLY D 66 -17.80 -3.58 17.28
N LYS D 67 -16.61 -3.44 16.71
CA LYS D 67 -16.47 -3.18 15.27
C LYS D 67 -15.40 -4.09 14.65
N VAL D 68 -15.45 -4.21 13.34
CA VAL D 68 -14.46 -5.00 12.59
C VAL D 68 -14.30 -4.40 11.20
N SER D 69 -13.09 -4.46 10.67
CA SER D 69 -12.86 -4.04 9.31
C SER D 69 -13.26 -5.21 8.42
N ILE D 70 -14.15 -4.95 7.46
CA ILE D 70 -14.58 -6.00 6.54
C ILE D 70 -13.81 -5.93 5.22
N ASN D 71 -13.17 -7.03 4.84
CA ASN D 71 -12.68 -7.16 3.47
C ASN D 71 -13.70 -8.01 2.74
N GLU D 72 -14.41 -7.42 1.80
CA GLU D 72 -15.50 -8.16 1.14
C GLU D 72 -15.08 -9.49 0.51
N ALA D 73 -13.95 -9.48 -0.20
CA ALA D 73 -13.41 -10.72 -0.83
C ALA D 73 -13.27 -11.86 0.19
N SER D 74 -12.69 -11.55 1.35
CA SER D 74 -12.52 -12.55 2.40
CA SER D 74 -12.52 -12.53 2.42
C SER D 74 -13.86 -13.12 2.82
N THR D 75 -14.89 -12.29 2.93
CA THR D 75 -16.21 -12.80 3.31
C THR D 75 -16.83 -13.66 2.22
N ILE D 76 -16.63 -13.28 0.97
CA ILE D 76 -17.15 -14.07 -0.15
C ILE D 76 -16.47 -15.45 -0.17
N LYS D 77 -15.15 -15.47 -0.02
CA LYS D 77 -14.38 -16.71 0.00
C LYS D 77 -14.77 -17.59 1.20
N ALA D 78 -14.96 -16.97 2.37
CA ALA D 78 -15.35 -17.69 3.56
C ALA D 78 -16.70 -18.36 3.38
N ALA D 79 -17.66 -17.62 2.82
CA ALA D 79 -18.99 -18.14 2.55
C ALA D 79 -18.92 -19.38 1.67
N VAL D 80 -18.05 -19.35 0.68
CA VAL D 80 -17.93 -20.45 -0.30
C VAL D 80 -17.07 -21.61 0.22
N ASP D 81 -15.94 -21.28 0.84
CA ASP D 81 -15.00 -22.29 1.29
C ASP D 81 -15.45 -22.96 2.58
N ASP D 82 -16.06 -22.18 3.48
CA ASP D 82 -16.41 -22.68 4.83
C ASP D 82 -17.91 -22.81 5.09
N GLY D 83 -18.74 -22.25 4.22
CA GLY D 83 -20.18 -22.21 4.47
C GLY D 83 -20.51 -21.45 5.74
N SER D 84 -19.65 -20.48 6.06
CA SER D 84 -19.83 -19.65 7.24
CA SER D 84 -19.76 -19.69 7.29
C SER D 84 -19.02 -18.37 7.11
N ALA D 85 -19.62 -17.29 7.58
CA ALA D 85 -19.01 -15.97 7.58
C ALA D 85 -19.02 -15.44 9.03
N PRO D 86 -17.83 -15.25 9.65
CA PRO D 86 -17.81 -14.88 11.07
C PRO D 86 -18.57 -13.56 11.35
N ASN D 87 -18.59 -12.63 10.37
CA ASN D 87 -19.19 -11.29 10.57
C ASN D 87 -20.10 -10.87 9.43
N GLY D 88 -20.72 -11.85 8.80
CA GLY D 88 -21.59 -11.62 7.65
C GLY D 88 -20.87 -11.64 6.32
N VAL D 89 -21.64 -11.78 5.24
CA VAL D 89 -21.11 -11.69 3.88
C VAL D 89 -21.42 -10.28 3.41
N TRP D 90 -20.39 -9.59 2.90
CA TRP D 90 -20.60 -8.22 2.47
C TRP D 90 -20.25 -8.10 1.01
N ILE D 91 -21.22 -7.65 0.23
CA ILE D 91 -21.03 -7.44 -1.21
C ILE D 91 -21.55 -6.06 -1.57
N GLY D 92 -20.67 -5.22 -2.11
CA GLY D 92 -21.09 -3.89 -2.50
C GLY D 92 -21.63 -3.11 -1.31
N GLY D 93 -21.07 -3.36 -0.12
CA GLY D 93 -21.45 -2.60 1.07
C GLY D 93 -22.71 -3.08 1.79
N GLN D 94 -23.37 -4.08 1.22
CA GLN D 94 -24.55 -4.68 1.83
C GLN D 94 -24.23 -6.01 2.51
N LYS D 95 -24.80 -6.18 3.70
CA LYS D 95 -24.60 -7.36 4.53
C LYS D 95 -25.62 -8.47 4.20
N TYR D 96 -25.11 -9.69 4.09
CA TYR D 96 -25.94 -10.85 3.87
C TYR D 96 -25.63 -11.88 4.93
N LYS D 97 -26.60 -12.76 5.18
CA LYS D 97 -26.40 -13.92 6.04
C LYS D 97 -26.20 -15.15 5.16
N VAL D 98 -25.23 -16.01 5.50
CA VAL D 98 -25.15 -17.33 4.89
C VAL D 98 -26.36 -18.14 5.31
N VAL D 99 -27.24 -18.45 4.35
CA VAL D 99 -28.53 -19.06 4.68
C VAL D 99 -28.52 -20.54 4.47
N ARG D 100 -27.94 -20.98 3.36
CA ARG D 100 -27.88 -22.39 3.10
C ARG D 100 -26.76 -22.72 2.12
N PRO D 101 -25.67 -23.28 2.63
CA PRO D 101 -24.63 -23.77 1.70
C PRO D 101 -24.89 -25.21 1.25
N GLU D 102 -24.35 -25.56 0.09
CA GLU D 102 -24.39 -26.93 -0.37
C GLU D 102 -23.07 -27.27 -1.05
N LYS D 103 -22.37 -28.26 -0.50
CA LYS D 103 -21.12 -28.72 -1.11
CA LYS D 103 -21.11 -28.74 -1.07
C LYS D 103 -21.43 -29.76 -2.17
N GLY D 104 -20.72 -29.70 -3.28
CA GLY D 104 -20.83 -30.73 -4.30
C GLY D 104 -22.20 -30.88 -4.94
N PHE D 105 -22.87 -29.74 -5.18
CA PHE D 105 -24.19 -29.73 -5.78
C PHE D 105 -24.11 -30.08 -7.27
N GLU D 106 -24.92 -31.05 -7.66
CA GLU D 106 -24.90 -31.54 -9.02
C GLU D 106 -25.87 -30.79 -9.91
N TYR D 107 -25.35 -30.16 -10.94
CA TYR D 107 -26.16 -29.44 -11.90
C TYR D 107 -25.78 -29.93 -13.29
N ASN D 108 -26.74 -30.51 -14.00
CA ASN D 108 -26.49 -31.17 -15.28
C ASN D 108 -25.28 -32.07 -15.15
N ASP D 109 -24.23 -31.83 -15.92
CA ASP D 109 -23.03 -32.64 -15.79
C ASP D 109 -21.91 -31.97 -14.98
N CYS D 110 -22.29 -30.95 -14.21
CA CYS D 110 -21.34 -30.18 -13.41
C CYS D 110 -21.56 -30.44 -11.93
N THR D 111 -20.55 -30.15 -11.14
CA THR D 111 -20.76 -30.09 -9.69
C THR D 111 -20.10 -28.85 -9.09
N PHE D 112 -20.88 -28.13 -8.31
CA PHE D 112 -20.47 -26.84 -7.76
C PHE D 112 -20.59 -26.86 -6.26
N ASP D 113 -19.89 -25.96 -5.59
CA ASP D 113 -20.22 -25.64 -4.23
C ASP D 113 -21.05 -24.37 -4.29
N ILE D 114 -22.24 -24.39 -3.71
CA ILE D 114 -23.14 -23.24 -3.77
CA ILE D 114 -23.09 -23.22 -3.76
C ILE D 114 -23.44 -22.73 -2.37
N THR D 115 -23.61 -21.42 -2.26
CA THR D 115 -23.99 -20.84 -0.99
C THR D 115 -25.07 -19.79 -1.25
N MSE D 116 -26.21 -19.97 -0.61
CA MSE D 116 -27.24 -18.94 -0.69
CA MSE D 116 -27.25 -18.97 -0.68
C MSE D 116 -27.07 -17.96 0.45
O MSE D 116 -26.87 -18.37 1.59
CB MSE D 116 -28.64 -19.56 -0.66
CB MSE D 116 -28.60 -19.64 -0.56
CG MSE D 116 -29.56 -19.03 -1.74
CG MSE D 116 -29.56 -19.27 -1.64
SE MSE D 116 -31.45 -19.26 -1.36
SE MSE D 116 -30.21 -17.49 -1.32
CE MSE D 116 -31.46 -21.09 -0.69
CE MSE D 116 -30.76 -17.75 0.52
N CYS D 117 -27.16 -16.67 0.13
CA CYS D 117 -27.06 -15.62 1.15
C CYS D 117 -28.30 -14.76 1.06
N ALA D 118 -28.77 -14.27 2.18
CA ALA D 118 -30.02 -13.54 2.20
C ALA D 118 -29.83 -12.20 2.90
N ARG D 119 -30.65 -11.24 2.51
CA ARG D 119 -30.79 -9.97 3.18
C ARG D 119 -32.29 -9.76 3.26
N SER D 120 -32.74 -8.66 3.84
CA SER D 120 -34.17 -8.38 3.78
C SER D 120 -34.56 -8.03 2.34
N LYS D 121 -35.58 -8.72 1.83
CA LYS D 121 -36.14 -8.46 0.49
C LYS D 121 -35.15 -8.72 -0.66
N GLY D 122 -34.23 -9.66 -0.45
CA GLY D 122 -33.36 -10.12 -1.53
C GLY D 122 -32.32 -11.14 -1.09
N GLY D 123 -31.40 -11.44 -1.99
CA GLY D 123 -30.37 -12.42 -1.68
C GLY D 123 -29.27 -12.47 -2.70
N ALA D 124 -28.35 -13.42 -2.50
CA ALA D 124 -27.25 -13.63 -3.42
C ALA D 124 -26.93 -15.11 -3.46
N HIS D 125 -26.63 -15.60 -4.65
CA HIS D 125 -26.11 -16.95 -4.84
C HIS D 125 -24.65 -16.83 -5.13
N LEU D 126 -23.84 -17.65 -4.45
CA LEU D 126 -22.43 -17.79 -4.77
C LEU D 126 -22.24 -19.20 -5.28
N ILE D 127 -21.64 -19.32 -6.45
CA ILE D 127 -21.48 -20.65 -7.05
C ILE D 127 -20.05 -20.82 -7.46
N LYS D 128 -19.32 -21.70 -6.75
CA LYS D 128 -17.92 -21.95 -7.09
C LYS D 128 -17.76 -23.07 -8.09
N THR D 129 -17.02 -22.81 -9.15
CA THR D 129 -16.73 -23.81 -10.15
C THR D 129 -15.46 -24.56 -9.72
N PRO D 130 -15.33 -25.82 -10.16
CA PRO D 130 -14.14 -26.61 -9.84
C PRO D 130 -12.81 -25.93 -10.23
N ASN D 131 -12.82 -25.13 -11.28
CA ASN D 131 -11.59 -24.51 -11.76
C ASN D 131 -11.37 -23.10 -11.29
N GLY D 132 -12.16 -22.68 -10.31
CA GLY D 132 -11.80 -21.50 -9.53
C GLY D 132 -12.52 -20.19 -9.79
N SER D 133 -13.72 -20.25 -10.35
CA SER D 133 -14.55 -19.04 -10.45
C SER D 133 -15.68 -19.10 -9.43
N ILE D 134 -16.05 -17.95 -8.88
CA ILE D 134 -17.24 -17.88 -8.05
C ILE D 134 -18.23 -16.96 -8.75
N VAL D 135 -19.32 -17.54 -9.27
CA VAL D 135 -20.38 -16.73 -9.86
C VAL D 135 -21.17 -16.09 -8.72
N ILE D 136 -21.42 -14.81 -8.84
CA ILE D 136 -22.21 -14.09 -7.85
C ILE D 136 -23.43 -13.55 -8.55
N ALA D 137 -24.60 -13.89 -8.03
CA ALA D 137 -25.88 -13.46 -8.63
C ALA D 137 -26.81 -12.88 -7.58
N LEU D 138 -27.11 -11.59 -7.71
CA LEU D 138 -27.99 -10.92 -6.77
C LEU D 138 -29.43 -10.85 -7.29
N TYR D 139 -30.40 -11.06 -6.42
CA TYR D 139 -31.79 -10.85 -6.78
C TYR D 139 -32.48 -9.94 -5.76
N ASP D 140 -33.49 -9.21 -6.23
CA ASP D 140 -34.19 -8.23 -5.42
C ASP D 140 -35.68 -8.53 -5.49
N GLU D 141 -36.25 -8.88 -4.34
CA GLU D 141 -37.66 -9.22 -4.31
C GLU D 141 -38.56 -8.03 -4.63
N GLU D 142 -38.03 -6.83 -4.42
CA GLU D 142 -38.79 -5.64 -4.74
C GLU D 142 -38.88 -5.44 -6.25
N LYS D 143 -38.06 -6.19 -6.99
CA LYS D 143 -38.10 -6.13 -8.44
C LYS D 143 -38.72 -7.38 -9.03
N GLU D 144 -39.53 -8.05 -8.20
CA GLU D 144 -40.27 -9.23 -8.65
C GLU D 144 -39.31 -10.38 -8.99
N GLN D 145 -38.11 -10.36 -8.42
CA GLN D 145 -37.20 -11.47 -8.63
C GLN D 145 -37.28 -12.41 -7.44
N ASP D 146 -36.91 -13.67 -7.65
CA ASP D 146 -36.99 -14.62 -6.54
C ASP D 146 -35.74 -15.51 -6.48
N LYS D 147 -35.55 -16.19 -5.35
CA LYS D 147 -34.35 -16.97 -5.14
C LYS D 147 -34.25 -18.13 -6.14
N GLY D 148 -35.40 -18.69 -6.52
CA GLY D 148 -35.42 -19.83 -7.44
C GLY D 148 -34.93 -19.53 -8.84
N ASN D 149 -35.55 -18.55 -9.47
CA ASN D 149 -35.21 -18.24 -10.86
C ASN D 149 -33.80 -17.67 -10.97
N SER D 150 -33.41 -16.83 -10.01
CA SER D 150 -32.03 -16.32 -9.97
C SER D 150 -31.00 -17.45 -9.79
N ARG D 151 -31.30 -18.41 -8.91
CA ARG D 151 -30.39 -19.56 -8.72
C ARG D 151 -30.20 -20.32 -10.02
N THR D 152 -31.29 -20.54 -10.76
CA THR D 152 -31.19 -21.26 -12.02
C THR D 152 -30.32 -20.52 -13.03
N SER D 153 -30.46 -19.21 -13.06
CA SER D 153 -29.70 -18.41 -13.97
C SER D 153 -28.22 -18.43 -13.59
N ALA D 154 -27.96 -18.39 -12.29
CA ALA D 154 -26.58 -18.42 -11.78
C ALA D 154 -25.94 -19.76 -12.13
N LEU D 155 -26.71 -20.83 -11.97
CA LEU D 155 -26.21 -22.17 -12.32
C LEU D 155 -25.88 -22.32 -13.79
N ALA D 156 -26.77 -21.83 -14.67
CA ALA D 156 -26.48 -21.91 -16.09
C ALA D 156 -25.20 -21.19 -16.45
N PHE D 157 -25.02 -20.01 -15.87
CA PHE D 157 -23.81 -19.23 -16.12
C PHE D 157 -22.57 -19.99 -15.61
N ALA D 158 -22.65 -20.58 -14.41
CA ALA D 158 -21.53 -21.28 -13.83
C ALA D 158 -21.19 -22.47 -14.71
N GLU D 159 -22.22 -23.09 -15.26
CA GLU D 159 -22.03 -24.23 -16.18
C GLU D 159 -21.28 -23.79 -17.45
N TYR D 160 -21.65 -22.64 -17.98
CA TYR D 160 -21.00 -22.08 -19.17
C TYR D 160 -19.53 -21.82 -18.89
N LEU D 161 -19.23 -21.25 -17.73
CA LEU D 161 -17.84 -20.97 -17.34
C LEU D 161 -17.09 -22.26 -17.25
N HIS D 162 -17.70 -23.26 -16.61
CA HIS D 162 -17.04 -24.55 -16.44
C HIS D 162 -16.72 -25.17 -17.78
N GLN D 163 -17.70 -25.16 -18.68
CA GLN D 163 -17.50 -25.74 -20.01
C GLN D 163 -16.41 -25.02 -20.80
N SER D 164 -16.20 -23.76 -20.43
CA SER D 164 -15.29 -22.86 -21.13
C SER D 164 -13.92 -22.82 -20.47
N GLY D 165 -13.74 -23.66 -19.45
CA GLY D 165 -12.43 -23.80 -18.78
C GLY D 165 -12.22 -22.89 -17.58
N TYR D 166 -13.30 -22.32 -17.07
CA TYR D 166 -13.22 -21.45 -15.91
C TYR D 166 -13.96 -22.10 -14.75
S1 DTV E . 31.04 -1.14 8.09
C1 DTV E . 31.28 -2.81 8.69
C2 DTV E . 29.97 -3.58 8.75
O2 DTV E . 30.24 -4.94 9.00
C3 DTV E . 29.10 -3.06 9.88
O3 DTV E . 29.82 -3.15 11.09
C4 DTV E . 27.86 -3.93 9.99
S4 DTV E . 26.74 -3.17 11.17
S SO4 F . 23.41 -5.72 5.39
O1 SO4 F . 22.55 -6.27 4.33
O2 SO4 F . 23.47 -4.27 5.23
O3 SO4 F . 22.82 -6.04 6.69
O4 SO4 F . 24.75 -6.34 5.30
S1 DTV G . -10.88 -3.24 21.38
C1 DTV G . -12.49 -3.73 22.01
C2 DTV G . -12.32 -4.70 23.16
O2 DTV G . -13.47 -4.61 23.99
C3 DTV G . -12.17 -6.14 22.69
O3 DTV G . -13.31 -6.54 21.94
C4 DTV G . -12.08 -7.01 23.93
S4 DTV G . -11.69 -8.68 23.39
S SO4 H . -8.15 -6.66 29.17
O1 SO4 H . -8.17 -8.10 28.85
O2 SO4 H . -9.45 -6.06 28.86
O3 SO4 H . -7.85 -6.44 30.58
O4 SO4 H . -7.08 -6.07 28.34
S1 DTV I . -3.18 23.02 -7.69
C1 DTV I . -2.46 24.66 -7.51
C2 DTV I . -2.44 25.37 -8.86
O2 DTV I . -2.29 26.74 -8.64
C3 DTV I . -1.30 24.87 -9.75
O3 DTV I . -0.08 25.21 -9.12
C4 DTV I . -1.38 25.57 -11.10
S4 DTV I . -0.04 25.00 -12.16
S1 DTV J . -16.73 -17.93 -20.62
C1 DTV J . -15.81 -17.59 -22.13
C2 DTV J . -14.72 -16.56 -21.91
O2 DTV J . -13.80 -16.60 -22.98
C3 DTV J . -15.29 -15.16 -21.80
O3 DTV J . -16.06 -14.90 -22.97
C4 DTV J . -14.18 -14.10 -21.69
S4 DTV J . -14.88 -12.50 -21.26
S SO4 K . -6.05 26.61 -15.59
O1 SO4 K . -4.91 26.02 -16.28
O2 SO4 K . -7.08 26.98 -16.55
O3 SO4 K . -6.58 25.65 -14.60
O4 SO4 K . -5.62 27.81 -14.87
S SO4 L . -8.81 -13.99 -17.83
O1 SO4 L . -8.45 -14.47 -19.17
O2 SO4 L . -9.33 -12.63 -17.91
O3 SO4 L . -9.82 -14.87 -17.24
O4 SO4 L . -7.61 -14.04 -16.98
#